data_6SXB
#
_entry.id   6SXB
#
_cell.length_a   1.00
_cell.length_b   1.00
_cell.length_c   1.00
_cell.angle_alpha   90.00
_cell.angle_beta   90.00
_cell.angle_gamma   90.00
#
_symmetry.space_group_name_H-M   'P 1'
#
loop_
_entity.id
_entity.type
_entity.pdbx_description
1 polymer 'DNA repair endonuclease XPF'
2 polymer 'DNA excision repair protein ERCC-1'
3 polymer "DNA (5'-D(P*CP*AP*GP*AP*TP*GP*CP*TP*GP*A)-3')"
4 polymer "DNA (5'-D(*TP*CP*AP*GP*CP*AP*TP*CP*TP*G)-3')"
#
loop_
_entity_poly.entity_id
_entity_poly.type
_entity_poly.pdbx_seq_one_letter_code
_entity_poly.pdbx_strand_id
1 'polypeptide(L)'
;MESGQPARRIAMAPLLEYERQLVLELLDTDGLVVCARGLGADRLLYHFLQLHCHPACLVLVLNTQPAEEEYFINQLKIEG
VEHLPRRVTNEITSNSRYEVYTQGGVIFATSRILVVDFLTDRIPSDLITGILVYRAHRIIESCQEAFILRLFRQKNKRGF
IKAFTDNAVAFDTGFCHVERVMRNLFVRKLYLWPRFHVAVNSFLEQHKPEVVEIHVSMTPTMLAIQTAILDILNACLKEL
KCHNPSLEVEDLSLENAIGKPFDKTIRHYLDPLWHQLGAKTKSLVQDLKILRTLLQYLSQYDCVTFLNLLESLRATEKAF
GQNSGWLFLDSSTSMFINARARVYHLPDAKMSKKEKISEKMEIKEGEETKKELVLESNPKWEALTEVLKEIEAENKESEA
LGGPGQVLICASDDRTCSQLRDYITLGAEAFLLRLYRKTFEKDSKAEEVWMKFRKEDSSKRIRKSHKRPKDPQNKERAST
KERTLKKKKRKLTLTQMVGKPEELEEEGDVEEGYRREISSSPESCPEEIKHEEFDVNLSSDAAFGILKEPLTIIHPLLGC
SDPYALTRVLHEVEPRYVVLYDAELTFVRQLEIYRASRPGKPLRVYFLIYGGSTEEQRYLTALRKEKEAFEKLIREKASM
VVPEEREGRDETNLDLVRGTASADVSTDTRKAGGQEQNGTQQSIVVDMREFRSELPSLIHRRGIDIEPVTLEVGDYILTP
EMCVERKSISDLIGSLNNGRLYSQCISMSRYYKRPVLLIEFDPSKPFSLTSRGALFQEISSNDISSKLTLLTLHFPRLRI
LWCPSPHATAELFEELKQSKPQPDAATALAITADSETLPESEKYNPGPQDFLLKMPGVNAKNCRSLMHHVKNIAELAALS
QDELTSILGNAANAKQLYDFIHTSFAEVVSKGKGKK
;
F
2 'polypeptide(L)'
;MDPGKDKEGVPQPSGPPARKKFVIPLDEDEVPPGVAKPLFRSTQSLPTVDTSAQAAPQTYAEYAISQPLEGAGATCPTGS
EPLAGETPNQALKPGAKSNSIIVSPRQRGNPVLKFVRNVPWEFGDVIPDYVLGQSTCALFLSLRYHNLHPDYIHGRLQSL
GKNFALRVLLVQVDVKDPQQALKELAKMCILADCTLILAWSPEEAGRYLETYKAYEQKPADLLMEKLEQDFVSRVTECLT
TVKSVNKTDSQTLLTTFGSLEQLIAASREDLALCPGLGPQKARRLFDVLHEPFLKVP
;
G
3 'polydeoxyribonucleotide' (DC)(DA)(DG)(DA)(DT)(DG)(DC)(DT)(DG)(DA) C
4 'polydeoxyribonucleotide' (DT)(DC)(DA)(DG)(DC)(DA)(DT)(DC)(DT)(DG) D
#
loop_
_chem_comp.id
_chem_comp.type
_chem_comp.name
_chem_comp.formula
DA DNA linking 2'-DEOXYADENOSINE-5'-MONOPHOSPHATE 'C10 H14 N5 O6 P'
DC DNA linking 2'-DEOXYCYTIDINE-5'-MONOPHOSPHATE 'C9 H14 N3 O7 P'
DG DNA linking 2'-DEOXYGUANOSINE-5'-MONOPHOSPHATE 'C10 H14 N5 O7 P'
DT DNA linking THYMIDINE-5'-MONOPHOSPHATE 'C10 H15 N2 O8 P'
#
# COMPACT_ATOMS: atom_id res chain seq x y z
N ARG A 9 14.03 41.80 -0.33
CA ARG A 9 12.61 41.54 -0.53
C ARG A 9 12.39 40.47 -1.58
N ILE A 10 12.57 39.21 -1.19
CA ILE A 10 12.38 38.10 -2.12
C ILE A 10 10.91 37.90 -2.42
N ALA A 11 10.07 37.97 -1.40
CA ALA A 11 8.63 37.80 -1.60
C ALA A 11 8.03 39.03 -2.27
N MET A 12 7.30 38.81 -3.36
CA MET A 12 6.65 39.87 -4.12
C MET A 12 5.16 39.79 -3.89
N ALA A 13 4.60 40.77 -3.18
CA ALA A 13 3.17 40.77 -2.92
C ALA A 13 2.35 41.15 -4.15
N PRO A 14 2.66 42.22 -4.88
CA PRO A 14 1.88 42.51 -6.09
C PRO A 14 2.11 41.47 -7.18
N LEU A 15 1.07 41.22 -7.96
CA LEU A 15 1.10 40.25 -9.05
C LEU A 15 1.16 40.98 -10.39
N LEU A 16 1.11 40.19 -11.47
CA LEU A 16 1.17 40.74 -12.81
C LEU A 16 -0.21 41.22 -13.24
N GLU A 17 -0.27 41.83 -14.43
CA GLU A 17 -1.54 42.36 -14.93
C GLU A 17 -2.50 41.25 -15.33
N TYR A 18 -1.98 40.14 -15.84
CA TYR A 18 -2.82 39.02 -16.26
C TYR A 18 -3.31 38.17 -15.09
N GLU A 19 -2.82 38.41 -13.89
CA GLU A 19 -3.21 37.64 -12.71
C GLU A 19 -4.17 38.40 -11.79
N ARG A 20 -4.35 39.70 -12.00
CA ARG A 20 -5.24 40.48 -11.15
C ARG A 20 -6.71 40.26 -11.49
N GLN A 21 -7.01 39.73 -12.68
CA GLN A 21 -8.41 39.51 -13.06
C GLN A 21 -9.00 38.29 -12.37
N LEU A 22 -8.17 37.29 -12.04
CA LEU A 22 -8.67 36.08 -11.39
C LEU A 22 -9.00 36.34 -9.93
N VAL A 23 -8.15 37.09 -9.22
CA VAL A 23 -8.39 37.38 -7.81
C VAL A 23 -9.68 38.16 -7.62
N LEU A 24 -10.05 38.99 -8.60
CA LEU A 24 -11.32 39.70 -8.54
C LEU A 24 -12.51 38.77 -8.72
N GLU A 25 -12.33 37.64 -9.37
CA GLU A 25 -13.41 36.68 -9.59
C GLU A 25 -13.42 35.54 -8.58
N LEU A 26 -12.25 35.20 -8.01
CA LEU A 26 -12.20 34.11 -7.04
C LEU A 26 -12.59 34.58 -5.64
N LEU A 27 -12.40 35.86 -5.32
CA LEU A 27 -12.74 36.36 -4.01
C LEU A 27 -14.25 36.42 -3.81
N ASP A 28 -14.99 36.86 -4.84
CA ASP A 28 -16.44 36.94 -4.74
C ASP A 28 -17.08 35.57 -4.74
N THR A 29 -16.85 34.79 -5.80
CA THR A 29 -17.40 33.46 -5.95
C THR A 29 -16.27 32.44 -5.89
N ASP A 30 -16.48 31.37 -5.12
CA ASP A 30 -15.48 30.33 -4.99
C ASP A 30 -15.48 29.42 -6.22
N GLY A 31 -14.29 28.94 -6.59
CA GLY A 31 -14.17 28.07 -7.74
C GLY A 31 -12.81 27.40 -7.75
N LEU A 32 -12.69 26.42 -8.65
CA LEU A 32 -11.46 25.66 -8.79
C LEU A 32 -10.57 26.33 -9.84
N VAL A 33 -9.31 26.59 -9.47
CA VAL A 33 -8.34 27.23 -10.34
C VAL A 33 -7.35 26.17 -10.79
N VAL A 34 -7.25 25.97 -12.10
CA VAL A 34 -6.34 25.00 -12.70
C VAL A 34 -5.29 25.77 -13.48
N CYS A 35 -4.04 25.72 -13.02
CA CYS A 35 -2.96 26.43 -13.67
C CYS A 35 -2.38 25.59 -14.82
N ALA A 36 -1.52 26.23 -15.61
CA ALA A 36 -0.88 25.57 -16.75
C ALA A 36 0.51 25.12 -16.34
N ARG A 37 0.55 23.98 -15.62
CA ARG A 37 1.79 23.38 -15.15
C ARG A 37 2.58 24.36 -14.27
N GLY A 38 1.91 24.90 -13.27
CA GLY A 38 2.54 25.83 -12.36
C GLY A 38 2.51 27.27 -12.83
N LEU A 39 1.37 27.67 -13.41
CA LEU A 39 1.21 29.05 -13.90
C LEU A 39 0.70 29.93 -12.77
N GLY A 40 1.61 30.23 -11.84
CA GLY A 40 1.28 31.05 -10.70
C GLY A 40 0.45 30.35 -9.65
N ALA A 41 0.65 29.05 -9.45
CA ALA A 41 -0.12 28.32 -8.46
C ALA A 41 0.27 28.74 -7.04
N ASP A 42 1.57 28.74 -6.74
CA ASP A 42 2.02 29.15 -5.41
C ASP A 42 1.90 30.67 -5.23
N ARG A 43 1.99 31.44 -6.31
CA ARG A 43 1.88 32.89 -6.20
C ARG A 43 0.48 33.31 -5.77
N LEU A 44 -0.54 32.55 -6.16
CA LEU A 44 -1.91 32.86 -5.71
C LEU A 44 -2.13 32.40 -4.28
N LEU A 45 -1.55 31.25 -3.90
CA LEU A 45 -1.70 30.77 -2.54
C LEU A 45 -1.02 31.70 -1.55
N TYR A 46 0.18 32.19 -1.88
CA TYR A 46 0.88 33.12 -1.00
C TYR A 46 0.13 34.44 -0.86
N HIS A 47 -0.55 34.87 -1.93
CA HIS A 47 -1.34 36.10 -1.84
C HIS A 47 -2.61 35.90 -1.03
N PHE A 48 -3.25 34.74 -1.18
CA PHE A 48 -4.46 34.46 -0.41
C PHE A 48 -4.16 34.24 1.07
N LEU A 49 -2.97 33.72 1.39
CA LEU A 49 -2.61 33.52 2.79
C LEU A 49 -2.39 34.83 3.52
N GLN A 50 -1.86 35.85 2.83
CA GLN A 50 -1.63 37.13 3.46
C GLN A 50 -2.93 37.86 3.77
N LEU A 51 -3.96 37.67 2.93
CA LEU A 51 -5.24 38.32 3.16
C LEU A 51 -5.97 37.76 4.37
N HIS A 52 -5.64 36.55 4.81
CA HIS A 52 -6.29 35.93 5.96
C HIS A 52 -5.29 35.65 7.08
N CYS A 53 -4.15 36.34 7.10
CA CYS A 53 -3.15 36.14 8.15
C CYS A 53 -3.41 37.13 9.29
N HIS A 54 -4.49 36.86 10.02
CA HIS A 54 -4.90 37.68 11.14
C HIS A 54 -5.31 36.78 12.29
N PRO A 55 -5.08 37.20 13.53
CA PRO A 55 -5.48 36.37 14.67
C PRO A 55 -6.99 36.20 14.82
N ALA A 56 -7.78 37.12 14.26
CA ALA A 56 -9.23 37.01 14.38
C ALA A 56 -9.78 35.89 13.48
N CYS A 57 -9.28 35.79 12.25
CA CYS A 57 -9.74 34.78 11.31
C CYS A 57 -8.92 33.50 11.47
N LEU A 58 -9.62 32.36 11.41
CA LEU A 58 -8.99 31.04 11.54
C LEU A 58 -9.09 30.34 10.20
N VAL A 59 -7.95 30.11 9.56
CA VAL A 59 -7.88 29.43 8.27
C VAL A 59 -6.93 28.26 8.41
N LEU A 60 -7.43 27.05 8.15
CA LEU A 60 -6.65 25.84 8.25
C LEU A 60 -6.22 25.37 6.86
N VAL A 61 -5.05 24.75 6.81
CA VAL A 61 -4.49 24.24 5.56
C VAL A 61 -4.90 22.78 5.41
N LEU A 62 -5.34 22.40 4.21
CA LEU A 62 -5.79 21.03 3.97
C LEU A 62 -4.61 20.07 3.96
N ASN A 63 -3.68 20.27 3.01
CA ASN A 63 -2.52 19.39 2.89
C ASN A 63 -1.43 20.12 2.12
N THR A 64 -0.22 20.12 2.69
CA THR A 64 0.93 20.76 2.06
C THR A 64 2.15 19.86 2.27
N GLN A 65 3.33 20.39 1.97
CA GLN A 65 4.57 19.68 2.11
C GLN A 65 5.51 20.41 3.07
N PRO A 66 6.33 19.68 3.84
CA PRO A 66 7.25 20.35 4.76
C PRO A 66 8.34 21.15 4.07
N ALA A 67 8.64 20.86 2.80
CA ALA A 67 9.67 21.62 2.10
C ALA A 67 9.19 23.02 1.75
N GLU A 68 7.89 23.20 1.51
CA GLU A 68 7.35 24.50 1.17
C GLU A 68 6.90 25.29 2.40
N GLU A 69 6.61 24.62 3.52
CA GLU A 69 6.17 25.32 4.72
C GLU A 69 7.28 26.21 5.28
N GLU A 70 8.50 25.69 5.34
CA GLU A 70 9.61 26.49 5.85
C GLU A 70 9.89 27.68 4.93
N TYR A 71 9.78 27.48 3.61
CA TYR A 71 9.99 28.58 2.68
C TYR A 71 8.92 29.64 2.85
N PHE A 72 7.66 29.23 3.01
CA PHE A 72 6.58 30.19 3.23
C PHE A 72 6.77 30.95 4.54
N ILE A 73 7.21 30.25 5.59
CA ILE A 73 7.46 30.90 6.87
C ILE A 73 8.59 31.92 6.74
N ASN A 74 9.66 31.55 6.04
CA ASN A 74 10.77 32.50 5.83
C ASN A 74 10.32 33.70 5.03
N GLN A 75 9.50 33.49 4.00
CA GLN A 75 9.02 34.60 3.18
C GLN A 75 8.12 35.53 3.99
N LEU A 76 7.25 34.96 4.83
CA LEU A 76 6.38 35.79 5.65
C LEU A 76 7.15 36.52 6.74
N LYS A 77 8.25 35.93 7.22
CA LYS A 77 9.08 36.62 8.20
C LYS A 77 9.87 37.75 7.55
N ILE A 78 10.30 37.55 6.31
CA ILE A 78 11.00 38.61 5.59
C ILE A 78 10.04 39.74 5.25
N GLU A 79 8.80 39.41 4.90
CA GLU A 79 7.81 40.44 4.59
C GLU A 79 7.48 41.29 5.81
N GLY A 80 7.57 40.70 7.00
CA GLY A 80 7.31 41.44 8.22
C GLY A 80 5.88 41.37 8.70
N VAL A 81 5.35 40.16 8.81
CA VAL A 81 3.99 39.96 9.30
C VAL A 81 4.00 39.96 10.82
N GLU A 82 2.98 40.58 11.41
CA GLU A 82 2.89 40.67 12.87
C GLU A 82 2.67 39.32 13.53
N HIS A 83 2.09 38.35 12.82
CA HIS A 83 1.83 37.03 13.36
C HIS A 83 2.32 35.99 12.36
N LEU A 84 3.28 35.17 12.78
CA LEU A 84 3.82 34.13 11.92
C LEU A 84 2.93 32.89 11.98
N PRO A 85 2.77 32.18 10.86
CA PRO A 85 1.93 30.98 10.88
C PRO A 85 2.61 29.84 11.62
N ARG A 86 1.82 29.15 12.44
CA ARG A 86 2.32 28.02 13.21
C ARG A 86 2.08 26.71 12.47
N ARG A 87 2.67 25.64 13.00
CA ARG A 87 2.54 24.30 12.42
C ARG A 87 2.21 23.31 13.53
N VAL A 88 1.10 22.60 13.38
CA VAL A 88 0.65 21.63 14.36
C VAL A 88 0.98 20.24 13.83
N THR A 89 1.77 19.48 14.59
CA THR A 89 2.15 18.14 14.20
C THR A 89 2.03 17.17 15.38
N ASN A 90 2.49 15.94 15.19
CA ASN A 90 2.43 14.93 16.25
C ASN A 90 3.69 14.98 17.12
N GLU A 91 3.95 16.18 17.65
CA GLU A 91 5.11 16.42 18.51
C GLU A 91 4.74 16.89 19.92
N ILE A 92 3.46 17.15 20.19
CA ILE A 92 3.00 17.62 21.49
C ILE A 92 1.80 16.77 21.91
N THR A 93 1.26 17.09 23.08
CA THR A 93 0.11 16.37 23.61
C THR A 93 -1.17 16.85 22.95
N SER A 94 -2.23 16.07 23.13
CA SER A 94 -3.53 16.43 22.56
C SER A 94 -4.13 17.65 23.24
N ASN A 95 -3.89 17.80 24.55
CA ASN A 95 -4.42 18.95 25.27
C ASN A 95 -3.72 20.25 24.91
N SER A 96 -2.47 20.18 24.43
CA SER A 96 -1.74 21.38 24.05
C SER A 96 -2.27 22.00 22.77
N ARG A 97 -3.02 21.24 21.97
CA ARG A 97 -3.56 21.75 20.71
C ARG A 97 -4.75 22.69 20.93
N TYR A 98 -5.31 22.73 22.13
CA TYR A 98 -6.45 23.61 22.39
C TYR A 98 -6.05 25.09 22.43
N GLU A 99 -4.78 25.37 22.74
CA GLU A 99 -4.31 26.75 22.80
C GLU A 99 -3.79 27.26 21.46
N VAL A 100 -3.39 26.36 20.56
CA VAL A 100 -2.88 26.79 19.26
C VAL A 100 -4.03 27.10 18.31
N TYR A 101 -5.08 26.30 18.34
CA TYR A 101 -6.22 26.52 17.45
C TYR A 101 -7.06 27.72 17.87
N THR A 102 -6.97 28.14 19.13
CA THR A 102 -7.74 29.28 19.62
C THR A 102 -7.00 30.60 19.50
N GLN A 103 -5.71 30.58 19.15
CA GLN A 103 -4.96 31.82 19.01
C GLN A 103 -5.28 32.53 17.70
N GLY A 104 -5.47 31.78 16.63
CA GLY A 104 -5.78 32.35 15.34
C GLY A 104 -4.59 32.33 14.40
N GLY A 105 -4.86 32.61 13.13
CA GLY A 105 -3.85 32.64 12.11
C GLY A 105 -3.83 31.37 11.28
N VAL A 106 -2.92 31.35 10.31
CA VAL A 106 -2.77 30.20 9.42
C VAL A 106 -2.07 29.08 10.18
N ILE A 107 -2.68 27.90 10.18
CA ILE A 107 -2.15 26.73 10.86
C ILE A 107 -1.90 25.65 9.82
N PHE A 108 -0.65 25.21 9.71
CA PHE A 108 -0.27 24.16 8.76
C PHE A 108 -0.36 22.82 9.47
N ALA A 109 -1.51 22.15 9.33
CA ALA A 109 -1.74 20.87 9.96
C ALA A 109 -1.51 19.74 8.95
N THR A 110 -1.68 18.51 9.43
CA THR A 110 -1.51 17.31 8.62
C THR A 110 -2.88 16.79 8.19
N SER A 111 -2.88 15.83 7.27
CA SER A 111 -4.10 15.25 6.76
C SER A 111 -4.65 14.12 7.63
N ARG A 112 -3.85 13.61 8.56
CA ARG A 112 -4.29 12.54 9.46
C ARG A 112 -4.71 13.04 10.83
N ILE A 113 -4.06 14.08 11.35
CA ILE A 113 -4.41 14.59 12.66
C ILE A 113 -5.62 15.51 12.59
N LEU A 114 -5.86 16.15 11.45
CA LEU A 114 -7.00 17.06 11.33
C LEU A 114 -8.33 16.33 11.43
N VAL A 115 -8.38 15.07 10.98
CA VAL A 115 -9.61 14.31 11.08
C VAL A 115 -9.87 13.86 12.51
N VAL A 116 -8.82 13.40 13.20
CA VAL A 116 -8.98 12.95 14.58
C VAL A 116 -9.33 14.12 15.49
N ASP A 117 -8.68 15.27 15.28
CA ASP A 117 -8.99 16.45 16.09
C ASP A 117 -10.40 16.94 15.84
N PHE A 118 -10.91 16.80 14.62
CA PHE A 118 -12.27 17.22 14.32
C PHE A 118 -13.31 16.24 14.86
N LEU A 119 -13.00 14.94 14.86
CA LEU A 119 -13.94 13.94 15.33
C LEU A 119 -13.84 13.66 16.83
N THR A 120 -12.84 14.22 17.51
CA THR A 120 -12.71 14.05 18.96
C THR A 120 -13.41 15.14 19.75
N ASP A 121 -14.07 16.09 19.08
CA ASP A 121 -14.79 17.18 19.74
C ASP A 121 -13.87 18.00 20.64
N ARG A 122 -12.80 18.51 20.04
CA ARG A 122 -11.85 19.35 20.75
C ARG A 122 -11.39 20.55 19.94
N ILE A 123 -11.97 20.79 18.77
CA ILE A 123 -11.59 21.89 17.90
C ILE A 123 -12.54 23.05 18.15
N PRO A 124 -12.03 24.28 18.33
CA PRO A 124 -12.94 25.43 18.55
C PRO A 124 -13.68 25.81 17.29
N SER A 125 -14.77 25.10 17.00
CA SER A 125 -15.54 25.33 15.78
C SER A 125 -16.44 26.56 15.97
N ASP A 126 -17.35 26.76 15.03
CA ASP A 126 -18.29 27.88 15.00
C ASP A 126 -17.61 29.23 14.84
N LEU A 127 -16.29 29.25 14.63
CA LEU A 127 -15.56 30.50 14.43
C LEU A 127 -14.54 30.43 13.31
N ILE A 128 -14.38 29.28 12.65
CA ILE A 128 -13.41 29.15 11.57
C ILE A 128 -13.96 29.79 10.32
N THR A 129 -13.12 30.61 9.66
CA THR A 129 -13.56 31.29 8.44
C THR A 129 -13.65 30.31 7.27
N GLY A 130 -12.64 29.47 7.09
CA GLY A 130 -12.65 28.51 6.01
C GLY A 130 -11.38 27.68 6.01
N ILE A 131 -11.25 26.86 4.97
CA ILE A 131 -10.10 25.98 4.80
C ILE A 131 -9.64 26.07 3.36
N LEU A 132 -8.37 26.40 3.15
CA LEU A 132 -7.79 26.50 1.82
C LEU A 132 -7.31 25.13 1.37
N VAL A 133 -7.82 24.66 0.23
CA VAL A 133 -7.48 23.35 -0.31
C VAL A 133 -6.37 23.53 -1.34
N TYR A 134 -5.23 22.89 -1.08
CA TYR A 134 -4.09 22.93 -1.99
C TYR A 134 -3.89 21.55 -2.62
N ARG A 135 -3.49 21.55 -3.90
CA ARG A 135 -3.27 20.32 -4.66
C ARG A 135 -4.53 19.46 -4.68
N ALA A 136 -5.58 20.02 -5.29
CA ALA A 136 -6.88 19.36 -5.36
C ALA A 136 -6.92 18.23 -6.40
N HIS A 137 -5.82 17.96 -7.09
CA HIS A 137 -5.78 16.91 -8.09
C HIS A 137 -5.64 15.52 -7.48
N ARG A 138 -5.50 15.41 -6.16
CA ARG A 138 -5.38 14.13 -5.48
C ARG A 138 -6.66 13.69 -4.80
N ILE A 139 -7.76 14.43 -4.99
CA ILE A 139 -9.03 14.10 -4.38
C ILE A 139 -9.92 13.30 -5.34
N ILE A 140 -9.36 12.81 -6.44
CA ILE A 140 -10.15 12.03 -7.40
C ILE A 140 -10.53 10.68 -6.79
N GLU A 141 -9.61 10.05 -6.08
CA GLU A 141 -9.87 8.77 -5.43
C GLU A 141 -10.45 8.98 -4.03
N SER A 142 -11.04 7.91 -3.50
CA SER A 142 -11.65 7.96 -2.17
C SER A 142 -10.54 7.88 -1.12
N CYS A 143 -9.89 9.02 -0.90
CA CYS A 143 -8.82 9.13 0.06
C CYS A 143 -9.34 9.81 1.34
N GLN A 144 -8.42 10.08 2.27
CA GLN A 144 -8.79 10.73 3.52
C GLN A 144 -9.07 12.21 3.36
N GLU A 145 -8.74 12.81 2.21
CA GLU A 145 -8.99 14.22 2.00
C GLU A 145 -10.47 14.53 1.79
N ALA A 146 -11.26 13.55 1.33
CA ALA A 146 -12.68 13.78 1.12
C ALA A 146 -13.45 13.84 2.42
N PHE A 147 -13.00 13.09 3.43
CA PHE A 147 -13.69 13.10 4.72
C PHE A 147 -13.59 14.46 5.40
N ILE A 148 -12.45 15.14 5.24
CA ILE A 148 -12.29 16.46 5.85
C ILE A 148 -13.23 17.47 5.19
N LEU A 149 -13.40 17.37 3.87
CA LEU A 149 -14.32 18.26 3.17
C LEU A 149 -15.77 17.92 3.48
N ARG A 150 -16.08 16.64 3.69
CA ARG A 150 -17.44 16.26 4.03
C ARG A 150 -17.81 16.70 5.44
N LEU A 151 -16.89 16.59 6.39
CA LEU A 151 -17.14 17.02 7.75
C LEU A 151 -17.13 18.53 7.91
N PHE A 152 -16.54 19.26 6.96
CA PHE A 152 -16.48 20.71 7.04
C PHE A 152 -17.81 21.36 6.67
N ARG A 153 -18.70 20.65 5.99
CA ARG A 153 -19.99 21.20 5.58
C ARG A 153 -20.93 21.24 6.78
N GLN A 154 -20.63 22.16 7.70
CA GLN A 154 -21.44 22.34 8.90
C GLN A 154 -21.71 23.80 9.24
N LYS A 155 -21.25 24.74 8.43
CA LYS A 155 -21.45 26.17 8.66
C LYS A 155 -22.56 26.69 7.77
N ASN A 156 -23.48 27.45 8.35
CA ASN A 156 -24.60 27.99 7.59
C ASN A 156 -24.14 29.10 6.64
N LYS A 157 -23.57 30.16 7.19
CA LYS A 157 -23.11 31.30 6.42
C LYS A 157 -21.61 31.46 6.55
N ARG A 158 -21.04 32.31 5.69
CA ARG A 158 -19.62 32.62 5.65
C ARG A 158 -18.76 31.38 5.42
N GLY A 159 -19.31 30.35 4.78
CA GLY A 159 -18.59 29.13 4.48
C GLY A 159 -18.08 29.19 3.04
N PHE A 160 -16.76 29.06 2.87
CA PHE A 160 -16.15 29.10 1.55
C PHE A 160 -15.02 28.09 1.49
N ILE A 161 -14.76 27.58 0.29
CA ILE A 161 -13.72 26.59 0.05
C ILE A 161 -13.01 26.95 -1.26
N LYS A 162 -11.70 27.11 -1.20
CA LYS A 162 -10.88 27.45 -2.36
C LYS A 162 -9.93 26.30 -2.65
N ALA A 163 -10.07 25.69 -3.82
CA ALA A 163 -9.24 24.57 -4.24
C ALA A 163 -8.31 25.03 -5.36
N PHE A 164 -7.03 24.73 -5.21
CA PHE A 164 -6.01 25.09 -6.17
C PHE A 164 -5.30 23.85 -6.68
N THR A 165 -4.97 23.84 -7.97
CA THR A 165 -4.27 22.71 -8.57
C THR A 165 -3.49 23.20 -9.78
N ASP A 166 -2.46 22.43 -10.15
CA ASP A 166 -1.63 22.77 -11.28
C ASP A 166 -1.30 21.56 -12.16
N ASN A 167 -1.97 20.43 -11.97
CA ASN A 167 -1.73 19.22 -12.75
C ASN A 167 -2.97 18.96 -13.61
N ALA A 168 -2.98 19.52 -14.81
CA ALA A 168 -4.10 19.34 -15.72
C ALA A 168 -4.08 17.99 -16.43
N VAL A 169 -2.92 17.33 -16.48
CA VAL A 169 -2.83 16.03 -17.15
C VAL A 169 -3.41 14.91 -16.28
N ALA A 170 -3.60 15.14 -14.98
CA ALA A 170 -4.13 14.11 -14.11
C ALA A 170 -5.63 13.90 -14.33
N PHE A 171 -6.32 14.92 -14.82
CA PHE A 171 -7.76 14.81 -15.06
C PHE A 171 -8.08 13.99 -16.30
N ASP A 172 -7.15 13.87 -17.25
CA ASP A 172 -7.37 13.11 -18.47
C ASP A 172 -7.12 11.63 -18.18
N THR A 173 -8.07 11.01 -17.50
CA THR A 173 -7.99 9.61 -17.14
C THR A 173 -9.35 8.95 -17.31
N GLY A 174 -9.35 7.75 -17.86
CA GLY A 174 -10.59 7.02 -18.08
C GLY A 174 -11.22 6.61 -16.76
N PHE A 175 -12.53 6.44 -16.78
CA PHE A 175 -13.32 6.05 -15.60
C PHE A 175 -13.15 7.03 -14.45
N CYS A 176 -12.90 8.31 -14.78
CA CYS A 176 -12.73 9.34 -13.76
C CYS A 176 -13.26 10.66 -14.35
N HIS A 177 -14.51 10.97 -14.03
CA HIS A 177 -15.15 12.19 -14.53
C HIS A 177 -14.81 13.38 -13.65
N VAL A 178 -14.96 14.57 -14.22
CA VAL A 178 -14.69 15.79 -13.47
C VAL A 178 -15.86 16.16 -12.57
N GLU A 179 -17.08 15.78 -12.96
CA GLU A 179 -18.25 16.10 -12.15
C GLU A 179 -18.23 15.35 -10.83
N ARG A 180 -17.68 14.13 -10.81
CA ARG A 180 -17.60 13.37 -9.58
C ARG A 180 -16.65 14.03 -8.58
N VAL A 181 -15.56 14.62 -9.07
CA VAL A 181 -14.63 15.32 -8.19
C VAL A 181 -15.20 16.69 -7.80
N MET A 182 -15.98 17.31 -8.67
CA MET A 182 -16.55 18.61 -8.35
C MET A 182 -17.67 18.49 -7.33
N ARG A 183 -18.44 17.40 -7.36
CA ARG A 183 -19.52 17.21 -6.40
C ARG A 183 -19.01 16.84 -5.02
N ASN A 184 -17.80 16.28 -4.93
CA ASN A 184 -17.21 15.89 -3.66
C ASN A 184 -16.46 17.03 -2.99
N LEU A 185 -16.50 18.23 -3.56
CA LEU A 185 -15.81 19.39 -3.00
C LEU A 185 -16.75 20.53 -2.64
N PHE A 186 -18.06 20.39 -2.90
CA PHE A 186 -19.05 21.42 -2.60
C PHE A 186 -18.71 22.75 -3.30
N VAL A 187 -18.27 22.65 -4.55
CA VAL A 187 -17.93 23.80 -5.36
C VAL A 187 -18.87 23.84 -6.56
N ARG A 188 -19.48 25.01 -6.80
CA ARG A 188 -20.43 25.17 -7.90
C ARG A 188 -19.74 25.68 -9.16
N LYS A 189 -19.09 26.84 -9.07
CA LYS A 189 -18.42 27.43 -10.21
C LYS A 189 -17.09 26.72 -10.49
N LEU A 190 -16.52 27.02 -11.65
CA LEU A 190 -15.25 26.43 -12.06
C LEU A 190 -14.54 27.40 -12.99
N TYR A 191 -13.28 27.71 -12.65
CA TYR A 191 -12.47 28.62 -13.44
C TYR A 191 -11.39 27.86 -14.19
N LEU A 192 -10.81 28.51 -15.20
CA LEU A 192 -9.77 27.91 -16.00
C LEU A 192 -8.92 29.01 -16.61
N TRP A 193 -7.60 28.76 -16.69
CA TRP A 193 -6.68 29.72 -17.28
C TRP A 193 -5.55 28.95 -17.97
N PRO A 194 -5.80 28.45 -19.17
CA PRO A 194 -4.79 27.69 -19.89
C PRO A 194 -3.82 28.62 -20.62
N ARG A 195 -2.90 28.00 -21.37
CA ARG A 195 -1.92 28.76 -22.14
C ARG A 195 -2.51 29.36 -23.41
N PHE A 196 -3.62 28.83 -23.90
CA PHE A 196 -4.26 29.32 -25.11
C PHE A 196 -5.15 30.53 -24.87
N HIS A 197 -5.12 31.10 -23.67
CA HIS A 197 -5.95 32.27 -23.37
C HIS A 197 -5.39 33.51 -24.06
N VAL A 198 -6.25 34.51 -24.24
CA VAL A 198 -5.84 35.73 -24.90
C VAL A 198 -5.16 36.68 -23.92
N ALA A 199 -5.69 36.78 -22.71
CA ALA A 199 -5.11 37.70 -21.72
C ALA A 199 -3.73 37.25 -21.27
N VAL A 200 -3.45 35.95 -21.35
CA VAL A 200 -2.12 35.44 -20.99
C VAL A 200 -1.15 35.53 -22.15
N ASN A 201 -1.62 35.34 -23.38
CA ASN A 201 -0.75 35.42 -24.55
C ASN A 201 -0.41 36.86 -24.91
N SER A 202 -1.32 37.80 -24.65
CA SER A 202 -1.06 39.19 -24.99
C SER A 202 -0.07 39.84 -24.04
N PHE A 203 -0.01 39.37 -22.79
CA PHE A 203 0.90 39.96 -21.82
C PHE A 203 2.31 39.39 -21.93
N LEU A 204 2.45 38.12 -22.26
CA LEU A 204 3.75 37.47 -22.39
C LEU A 204 4.34 37.58 -23.79
N GLU A 205 3.67 38.28 -24.70
CA GLU A 205 4.20 38.41 -26.07
C GLU A 205 5.26 39.50 -26.15
N GLN A 206 5.09 40.60 -25.41
CA GLN A 206 6.04 41.69 -25.43
C GLN A 206 7.31 41.41 -24.64
N HIS A 207 7.34 40.34 -23.85
CA HIS A 207 8.50 39.97 -23.03
C HIS A 207 8.83 38.52 -23.31
N LYS A 208 9.68 38.29 -24.31
CA LYS A 208 10.10 36.94 -24.68
C LYS A 208 11.59 36.97 -24.99
N PRO A 209 12.37 36.04 -24.46
CA PRO A 209 13.82 36.01 -24.71
C PRO A 209 14.11 35.37 -26.06
N GLU A 210 15.39 35.34 -26.40
CA GLU A 210 15.87 34.78 -27.66
C GLU A 210 16.47 33.40 -27.38
N VAL A 211 15.73 32.35 -27.76
CA VAL A 211 16.17 30.98 -27.56
C VAL A 211 16.88 30.49 -28.83
N VAL A 212 18.03 29.85 -28.65
CA VAL A 212 18.82 29.33 -29.76
C VAL A 212 18.87 27.82 -29.64
N GLU A 213 18.34 27.13 -30.65
CA GLU A 213 18.32 25.68 -30.68
C GLU A 213 19.48 25.16 -31.52
N ILE A 214 20.23 24.22 -30.98
CA ILE A 214 21.39 23.63 -31.65
C ILE A 214 21.21 22.11 -31.66
N HIS A 215 21.23 21.53 -32.86
CA HIS A 215 21.08 20.08 -33.01
C HIS A 215 22.44 19.42 -32.94
N VAL A 216 22.59 18.45 -32.03
CA VAL A 216 23.83 17.71 -31.84
C VAL A 216 23.71 16.35 -32.49
N SER A 217 24.68 16.01 -33.34
CA SER A 217 24.68 14.73 -34.03
C SER A 217 25.22 13.65 -33.09
N MET A 218 25.42 12.44 -33.63
CA MET A 218 25.91 11.33 -32.84
C MET A 218 26.94 10.56 -33.66
N THR A 219 27.73 9.74 -32.95
CA THR A 219 28.76 8.93 -33.60
C THR A 219 28.12 7.75 -34.32
N PRO A 220 28.77 7.26 -35.39
CA PRO A 220 28.20 6.11 -36.10
C PRO A 220 28.16 4.84 -35.28
N THR A 221 29.11 4.64 -34.36
CA THR A 221 29.08 3.46 -33.51
C THR A 221 27.90 3.49 -32.54
N MET A 222 27.58 4.68 -32.01
CA MET A 222 26.43 4.81 -31.12
C MET A 222 25.13 4.49 -31.86
N LEU A 223 25.05 4.87 -33.14
CA LEU A 223 23.86 4.56 -33.93
C LEU A 223 23.69 3.06 -34.10
N ALA A 224 24.78 2.34 -34.39
CA ALA A 224 24.70 0.90 -34.53
C ALA A 224 24.37 0.23 -33.20
N ILE A 225 24.92 0.75 -32.10
CA ILE A 225 24.61 0.20 -30.79
C ILE A 225 23.13 0.38 -30.47
N GLN A 226 22.59 1.57 -30.76
CA GLN A 226 21.17 1.82 -30.51
C GLN A 226 20.29 0.95 -31.41
N THR A 227 20.72 0.73 -32.66
CA THR A 227 19.95 -0.13 -33.55
C THR A 227 19.94 -1.57 -33.05
N ALA A 228 21.09 -2.07 -32.59
CA ALA A 228 21.14 -3.42 -32.04
C ALA A 228 20.30 -3.54 -30.77
N ILE A 229 20.32 -2.50 -29.93
CA ILE A 229 19.52 -2.52 -28.71
C ILE A 229 18.03 -2.54 -29.05
N LEU A 230 17.62 -1.73 -30.04
CA LEU A 230 16.23 -1.72 -30.45
C LEU A 230 15.82 -3.05 -31.06
N ASP A 231 16.71 -3.68 -31.83
CA ASP A 231 16.40 -4.99 -32.40
C ASP A 231 16.24 -6.04 -31.31
N ILE A 232 17.12 -6.04 -30.31
CA ILE A 232 17.00 -6.99 -29.21
C ILE A 232 15.72 -6.74 -28.42
N LEU A 233 15.37 -5.47 -28.23
CA LEU A 233 14.13 -5.14 -27.52
C LEU A 233 12.90 -5.62 -28.29
N ASN A 234 12.91 -5.43 -29.60
CA ASN A 234 11.79 -5.89 -30.43
C ASN A 234 11.70 -7.41 -30.40
N ALA A 235 12.84 -8.10 -30.45
CA ALA A 235 12.83 -9.56 -30.37
C ALA A 235 12.28 -10.04 -29.04
N CYS A 236 12.68 -9.38 -27.94
CA CYS A 236 12.16 -9.75 -26.63
C CYS A 236 10.67 -9.49 -26.53
N LEU A 237 10.21 -8.37 -27.08
CA LEU A 237 8.78 -8.06 -27.06
C LEU A 237 7.99 -9.08 -27.88
N LYS A 238 8.52 -9.50 -29.02
CA LYS A 238 7.85 -10.52 -29.82
C LYS A 238 7.81 -11.85 -29.09
N GLU A 239 8.92 -12.23 -28.44
CA GLU A 239 8.93 -13.47 -27.67
C GLU A 239 7.97 -13.42 -26.48
N LEU A 240 7.79 -12.25 -25.88
CA LEU A 240 6.85 -12.13 -24.78
C LEU A 240 5.41 -12.15 -25.26
N LYS A 241 5.14 -11.56 -26.42
CA LYS A 241 3.79 -11.55 -26.96
C LYS A 241 3.40 -12.92 -27.52
N CYS A 242 4.39 -13.70 -27.96
CA CYS A 242 4.08 -15.02 -28.50
C CYS A 242 3.66 -15.98 -27.39
N HIS A 243 4.26 -15.87 -26.21
CA HIS A 243 3.95 -16.74 -25.09
C HIS A 243 2.95 -16.11 -24.12
N ASN A 244 2.36 -14.97 -24.47
CA ASN A 244 1.39 -14.31 -23.61
C ASN A 244 0.48 -13.41 -24.43
N PRO A 245 -0.59 -13.95 -25.02
CA PRO A 245 -1.50 -13.11 -25.81
C PRO A 245 -2.54 -12.37 -24.99
N SER A 246 -2.53 -12.50 -23.66
CA SER A 246 -3.52 -11.83 -22.83
C SER A 246 -3.21 -10.33 -22.71
N LEU A 247 -1.99 -9.99 -22.32
CA LEU A 247 -1.59 -8.60 -22.15
C LEU A 247 -1.10 -8.01 -23.47
N GLU A 248 -2.01 -7.96 -24.44
CA GLU A 248 -1.70 -7.42 -25.76
C GLU A 248 -1.90 -5.91 -25.85
N VAL A 249 -2.85 -5.36 -25.10
CA VAL A 249 -3.10 -3.93 -25.15
C VAL A 249 -2.01 -3.16 -24.43
N GLU A 250 -1.37 -3.79 -23.44
CA GLU A 250 -0.32 -3.11 -22.68
C GLU A 250 0.90 -2.85 -23.55
N ASP A 251 1.23 -3.76 -24.47
CA ASP A 251 2.36 -3.63 -25.37
C ASP A 251 1.84 -3.79 -26.80
N LEU A 252 1.43 -2.67 -27.40
CA LEU A 252 0.93 -2.71 -28.77
C LEU A 252 2.06 -2.80 -29.78
N SER A 253 3.13 -2.03 -29.57
CA SER A 253 4.28 -2.03 -30.47
C SER A 253 5.53 -1.73 -29.65
N LEU A 254 6.65 -1.53 -30.34
CA LEU A 254 7.92 -1.24 -29.68
C LEU A 254 8.08 0.23 -29.33
N GLU A 255 7.25 1.12 -29.87
CA GLU A 255 7.36 2.53 -29.56
C GLU A 255 6.88 2.83 -28.15
N ASN A 256 5.88 2.10 -27.65
CA ASN A 256 5.37 2.34 -26.31
C ASN A 256 6.36 1.87 -25.24
N ALA A 257 7.19 0.88 -25.56
CA ALA A 257 8.16 0.39 -24.59
C ALA A 257 9.24 1.43 -24.32
N ILE A 258 9.58 2.26 -25.30
CA ILE A 258 10.60 3.28 -25.11
C ILE A 258 10.08 4.44 -24.27
N GLY A 259 8.77 4.65 -24.23
CA GLY A 259 8.21 5.74 -23.47
C GLY A 259 8.30 5.53 -21.98
N LYS A 260 7.90 6.57 -21.23
CA LYS A 260 7.94 6.54 -19.77
C LYS A 260 6.80 5.74 -19.17
N PRO A 261 5.52 5.93 -19.57
CA PRO A 261 4.44 5.14 -18.94
C PRO A 261 4.38 3.71 -19.46
N PHE A 262 5.48 2.98 -19.30
CA PHE A 262 5.56 1.58 -19.70
C PHE A 262 5.60 0.63 -18.52
N ASP A 263 6.47 0.89 -17.54
CA ASP A 263 6.57 0.03 -16.37
C ASP A 263 5.29 0.07 -15.55
N LYS A 264 4.67 1.26 -15.45
CA LYS A 264 3.41 1.37 -14.72
C LYS A 264 2.30 0.56 -15.40
N THR A 265 2.21 0.65 -16.73
CA THR A 265 1.21 -0.11 -17.45
C THR A 265 1.48 -1.62 -17.34
N ILE A 266 2.76 -2.01 -17.35
CA ILE A 266 3.09 -3.42 -17.20
C ILE A 266 2.69 -3.93 -15.82
N ARG A 267 2.98 -3.15 -14.77
CA ARG A 267 2.61 -3.56 -13.42
C ARG A 267 1.10 -3.54 -13.22
N HIS A 268 0.39 -2.68 -13.92
CA HIS A 268 -1.06 -2.63 -13.79
C HIS A 268 -1.74 -3.79 -14.52
N TYR A 269 -1.27 -4.11 -15.73
CA TYR A 269 -1.87 -5.20 -16.49
C TYR A 269 -1.53 -6.55 -15.87
N LEU A 270 -0.29 -6.73 -15.41
CA LEU A 270 0.15 -7.98 -14.79
C LEU A 270 -0.08 -7.92 -13.28
N ASP A 271 -1.35 -7.80 -12.90
CA ASP A 271 -1.73 -7.74 -11.49
C ASP A 271 -1.70 -9.12 -10.84
N PRO A 272 -2.31 -10.17 -11.44
CA PRO A 272 -2.21 -11.49 -10.78
C PRO A 272 -0.83 -12.14 -10.94
N LEU A 273 0.10 -11.70 -10.10
CA LEU A 273 1.46 -12.25 -10.16
C LEU A 273 1.50 -13.70 -9.69
N TRP A 274 0.69 -14.05 -8.69
CA TRP A 274 0.67 -15.42 -8.20
C TRP A 274 -0.07 -16.37 -9.14
N HIS A 275 -0.87 -15.84 -10.05
CA HIS A 275 -1.59 -16.66 -11.01
C HIS A 275 -0.78 -16.90 -12.28
N GLN A 276 -0.05 -15.89 -12.74
CA GLN A 276 0.80 -15.99 -13.92
C GLN A 276 2.26 -16.22 -13.56
N LEU A 277 2.52 -16.96 -12.49
CA LEU A 277 3.89 -17.23 -12.07
C LEU A 277 4.61 -18.08 -13.11
N GLY A 278 5.69 -17.53 -13.66
CA GLY A 278 6.47 -18.23 -14.66
C GLY A 278 7.91 -17.76 -14.73
N ALA A 279 8.84 -18.69 -14.92
CA ALA A 279 10.25 -18.32 -15.00
C ALA A 279 10.56 -17.54 -16.27
N LYS A 280 9.96 -17.96 -17.39
CA LYS A 280 10.23 -17.27 -18.66
C LYS A 280 9.70 -15.85 -18.65
N THR A 281 8.50 -15.64 -18.09
CA THR A 281 7.94 -14.29 -18.04
C THR A 281 8.78 -13.37 -17.17
N LYS A 282 9.20 -13.85 -16.00
CA LYS A 282 10.04 -13.04 -15.13
C LYS A 282 11.39 -12.76 -15.77
N SER A 283 11.97 -13.75 -16.46
CA SER A 283 13.24 -13.54 -17.14
C SER A 283 13.10 -12.50 -18.25
N LEU A 284 12.00 -12.55 -19.00
CA LEU A 284 11.80 -11.57 -20.06
C LEU A 284 11.56 -10.17 -19.50
N VAL A 285 10.85 -10.08 -18.37
CA VAL A 285 10.64 -8.78 -17.73
C VAL A 285 11.97 -8.21 -17.24
N GLN A 286 12.80 -9.06 -16.63
CA GLN A 286 14.11 -8.60 -16.18
C GLN A 286 14.98 -8.18 -17.34
N ASP A 287 14.91 -8.90 -18.46
CA ASP A 287 15.68 -8.54 -19.64
C ASP A 287 15.22 -7.21 -20.21
N LEU A 288 13.90 -6.97 -20.23
CA LEU A 288 13.38 -5.70 -20.70
C LEU A 288 13.83 -4.56 -19.81
N LYS A 289 13.78 -4.77 -18.49
CA LYS A 289 14.23 -3.73 -17.56
C LYS A 289 15.71 -3.44 -17.72
N ILE A 290 16.51 -4.49 -17.95
CA ILE A 290 17.95 -4.30 -18.15
C ILE A 290 18.22 -3.55 -19.44
N LEU A 291 17.52 -3.90 -20.52
CA LEU A 291 17.70 -3.20 -21.78
C LEU A 291 17.25 -1.75 -21.68
N ARG A 292 16.24 -1.47 -20.86
CA ARG A 292 15.80 -0.09 -20.66
C ARG A 292 16.82 0.71 -19.88
N THR A 293 17.29 0.17 -18.75
CA THR A 293 18.25 0.92 -17.93
C THR A 293 19.59 1.07 -18.63
N LEU A 294 19.98 0.11 -19.47
CA LEU A 294 21.23 0.23 -20.21
C LEU A 294 21.13 1.32 -21.27
N LEU A 295 20.02 1.34 -22.02
CA LEU A 295 19.82 2.40 -23.00
C LEU A 295 19.69 3.77 -22.34
N GLN A 296 19.19 3.81 -21.10
CA GLN A 296 19.12 5.08 -20.39
C GLN A 296 20.51 5.54 -19.95
N TYR A 297 21.29 4.63 -19.36
CA TYR A 297 22.62 5.00 -18.87
C TYR A 297 23.61 5.25 -20.01
N LEU A 298 23.37 4.70 -21.19
CA LEU A 298 24.27 4.95 -22.32
C LEU A 298 24.15 6.39 -22.80
N SER A 299 22.92 6.93 -22.82
CA SER A 299 22.70 8.31 -23.23
C SER A 299 22.85 9.30 -22.09
N GLN A 300 22.70 8.86 -20.85
CA GLN A 300 22.83 9.77 -19.71
C GLN A 300 24.28 9.96 -19.30
N TYR A 301 25.07 8.90 -19.33
CA TYR A 301 26.46 8.93 -18.90
C TYR A 301 27.38 8.64 -20.09
N ASP A 302 28.68 8.58 -19.80
CA ASP A 302 29.69 8.35 -20.82
C ASP A 302 29.72 6.87 -21.20
N CYS A 303 30.59 6.54 -22.16
CA CYS A 303 30.73 5.17 -22.63
C CYS A 303 31.73 4.36 -21.81
N VAL A 304 32.66 5.02 -21.11
CA VAL A 304 33.62 4.28 -20.30
C VAL A 304 32.95 3.65 -19.09
N THR A 305 32.06 4.40 -18.42
CA THR A 305 31.32 3.85 -17.30
C THR A 305 30.26 2.86 -17.73
N PHE A 306 29.89 2.85 -19.01
CA PHE A 306 28.95 1.87 -19.53
C PHE A 306 29.60 0.50 -19.68
N LEU A 307 30.89 0.46 -19.97
CA LEU A 307 31.63 -0.79 -20.14
C LEU A 307 32.33 -1.25 -18.87
N ASN A 308 32.89 -0.31 -18.08
CA ASN A 308 33.64 -0.69 -16.90
C ASN A 308 32.78 -0.85 -15.66
N LEU A 309 31.69 -0.11 -15.55
CA LEU A 309 30.84 -0.16 -14.37
C LEU A 309 29.52 -0.91 -14.58
N LEU A 310 29.10 -1.09 -15.84
CA LEU A 310 27.84 -1.76 -16.15
C LEU A 310 28.04 -3.08 -16.88
N GLU A 311 28.84 -3.09 -17.94
CA GLU A 311 29.05 -4.30 -18.72
C GLU A 311 29.92 -5.33 -17.99
N SER A 312 30.61 -4.94 -16.92
CA SER A 312 31.44 -5.86 -16.17
C SER A 312 30.66 -6.62 -15.10
N LEU A 313 29.70 -5.97 -14.45
CA LEU A 313 28.92 -6.64 -13.42
C LEU A 313 27.88 -7.58 -14.01
N ARG A 314 27.33 -7.25 -15.19
CA ARG A 314 26.32 -8.11 -15.80
C ARG A 314 26.92 -9.44 -16.23
N ALA A 315 28.17 -9.44 -16.70
CA ALA A 315 28.82 -10.69 -17.07
C ALA A 315 29.01 -11.59 -15.86
N THR A 316 29.44 -11.02 -14.73
CA THR A 316 29.60 -11.81 -13.52
C THR A 316 28.26 -12.31 -13.00
N GLU A 317 27.21 -11.49 -13.11
CA GLU A 317 25.89 -11.92 -12.68
C GLU A 317 25.36 -13.04 -13.54
N LYS A 318 25.66 -13.01 -14.85
CA LYS A 318 25.23 -14.09 -15.73
C LYS A 318 26.03 -15.36 -15.51
N ALA A 319 27.32 -15.21 -15.19
CA ALA A 319 28.16 -16.38 -14.92
C ALA A 319 27.89 -16.99 -13.54
N PHE A 320 27.34 -16.22 -12.61
CA PHE A 320 27.06 -16.75 -11.28
C PHE A 320 25.84 -17.66 -11.29
N GLY A 321 24.86 -17.38 -12.14
CA GLY A 321 23.65 -18.18 -12.21
C GLY A 321 22.69 -17.75 -13.29
N GLN A 322 21.40 -17.68 -12.95
CA GLN A 322 20.36 -17.29 -13.89
C GLN A 322 19.71 -15.98 -13.47
N ASN A 323 20.52 -15.02 -13.03
CA ASN A 323 19.99 -13.72 -12.61
C ASN A 323 19.58 -12.90 -13.82
N SER A 324 20.51 -12.66 -14.75
CA SER A 324 20.25 -11.88 -15.95
C SER A 324 19.84 -12.74 -17.13
N GLY A 325 19.73 -14.05 -16.96
CA GLY A 325 19.35 -14.94 -18.04
C GLY A 325 20.51 -15.41 -18.88
N TRP A 326 20.45 -16.65 -19.36
CA TRP A 326 21.52 -17.23 -20.17
C TRP A 326 21.40 -16.87 -21.64
N LEU A 327 20.32 -16.18 -22.05
CA LEU A 327 20.14 -15.83 -23.45
C LEU A 327 20.98 -14.63 -23.88
N PHE A 328 21.69 -13.98 -22.96
CA PHE A 328 22.55 -12.86 -23.28
C PHE A 328 24.01 -13.26 -23.39
N LEU A 329 24.31 -14.55 -23.35
CA LEU A 329 25.69 -15.03 -23.47
C LEU A 329 26.06 -15.44 -24.89
N ASP A 330 25.10 -15.81 -25.71
CA ASP A 330 25.32 -16.21 -27.09
C ASP A 330 24.48 -15.37 -28.05
N SER A 331 24.39 -14.07 -27.77
CA SER A 331 23.61 -13.16 -28.61
C SER A 331 24.14 -11.75 -28.41
N SER A 332 23.99 -10.94 -29.46
CA SER A 332 24.46 -9.55 -29.47
C SER A 332 25.94 -9.46 -29.13
N THR A 333 26.73 -10.31 -29.80
CA THR A 333 28.18 -10.32 -29.56
C THR A 333 28.84 -9.06 -30.10
N SER A 334 28.28 -8.47 -31.18
CA SER A 334 28.87 -7.27 -31.74
C SER A 334 28.87 -6.12 -30.75
N MET A 335 27.87 -6.08 -29.85
CA MET A 335 27.85 -5.05 -28.82
C MET A 335 29.08 -5.14 -27.91
N PHE A 336 29.63 -6.34 -27.75
CA PHE A 336 30.86 -6.49 -26.97
C PHE A 336 32.09 -5.97 -27.72
N ILE A 337 32.00 -5.86 -29.04
CA ILE A 337 33.13 -5.37 -29.83
C ILE A 337 33.12 -3.84 -29.93
N ASN A 338 31.94 -3.25 -30.11
CA ASN A 338 31.86 -1.80 -30.22
C ASN A 338 32.08 -1.11 -28.89
N ALA A 339 31.68 -1.76 -27.78
CA ALA A 339 31.88 -1.15 -26.47
C ALA A 339 33.34 -1.24 -26.03
N ARG A 340 34.02 -2.33 -26.35
CA ARG A 340 35.42 -2.47 -25.98
C ARG A 340 36.32 -1.56 -26.80
N ALA A 341 35.95 -1.28 -28.05
CA ALA A 341 36.74 -0.41 -28.90
C ALA A 341 36.52 1.07 -28.60
N ARG A 342 35.42 1.41 -27.93
CA ARG A 342 35.12 2.80 -27.60
C ARG A 342 35.80 3.20 -26.31
N LEU A 375 40.05 4.58 -28.81
CA LEU A 375 38.79 4.90 -28.17
C LEU A 375 38.27 6.27 -28.61
N GLU A 376 36.99 6.51 -28.39
CA GLU A 376 36.35 7.77 -28.75
C GLU A 376 35.45 8.20 -27.61
N SER A 377 34.65 9.24 -27.85
CA SER A 377 33.73 9.77 -26.86
C SER A 377 32.44 10.16 -27.56
N ASN A 378 31.57 10.89 -26.84
CA ASN A 378 30.30 11.33 -27.39
C ASN A 378 30.39 12.76 -27.89
N PRO A 379 29.66 13.09 -28.96
CA PRO A 379 29.71 14.47 -29.49
C PRO A 379 29.08 15.51 -28.58
N LYS A 380 28.40 15.10 -27.50
CA LYS A 380 27.79 16.06 -26.60
C LYS A 380 28.84 16.91 -25.90
N TRP A 381 29.93 16.29 -25.43
CA TRP A 381 30.99 17.04 -24.78
C TRP A 381 31.69 17.98 -25.77
N GLU A 382 31.88 17.53 -27.00
CA GLU A 382 32.48 18.40 -28.01
C GLU A 382 31.58 19.59 -28.31
N ALA A 383 30.27 19.37 -28.42
CA ALA A 383 29.35 20.47 -28.66
C ALA A 383 29.32 21.44 -27.48
N LEU A 384 29.38 20.92 -26.25
CA LEU A 384 29.42 21.78 -25.08
C LEU A 384 30.69 22.61 -25.04
N THR A 385 31.84 22.00 -25.38
CA THR A 385 33.09 22.74 -25.43
C THR A 385 33.06 23.80 -26.52
N GLU A 386 32.47 23.49 -27.67
CA GLU A 386 32.36 24.48 -28.74
C GLU A 386 31.47 25.64 -28.33
N VAL A 387 30.36 25.35 -27.65
CA VAL A 387 29.47 26.41 -27.19
C VAL A 387 30.18 27.27 -26.14
N LEU A 388 30.94 26.65 -25.25
CA LEU A 388 31.68 27.41 -24.24
C LEU A 388 32.73 28.30 -24.88
N LYS A 389 33.46 27.78 -25.88
CA LYS A 389 34.46 28.59 -26.56
C LYS A 389 33.82 29.71 -27.35
N GLU A 390 32.64 29.49 -27.93
CA GLU A 390 31.95 30.55 -28.65
C GLU A 390 31.48 31.64 -27.69
N ILE A 391 30.96 31.25 -26.52
CA ILE A 391 30.56 32.23 -25.52
C ILE A 391 31.76 33.03 -25.03
N GLU A 392 32.90 32.35 -24.84
CA GLU A 392 34.11 33.04 -24.40
C GLU A 392 34.59 34.02 -25.46
N ALA A 393 34.56 33.62 -26.73
CA ALA A 393 34.98 34.52 -27.81
C ALA A 393 34.03 35.72 -27.92
N GLU A 394 32.74 35.50 -27.73
CA GLU A 394 31.78 36.59 -27.79
C GLU A 394 31.96 37.55 -26.63
N ASN A 395 32.28 37.02 -25.45
CA ASN A 395 32.52 37.89 -24.29
C ASN A 395 33.84 38.65 -24.44
N LYS A 396 34.84 38.05 -25.07
CA LYS A 396 36.11 38.74 -25.26
C LYS A 396 36.00 39.81 -26.33
N GLU A 397 35.25 39.54 -27.41
CA GLU A 397 35.10 40.52 -28.47
C GLU A 397 34.20 41.68 -28.06
N SER A 398 33.30 41.48 -27.09
CA SER A 398 32.40 42.51 -26.61
C SER A 398 32.72 42.92 -25.18
N GLU A 399 34.01 42.94 -24.84
CA GLU A 399 34.47 43.30 -23.51
C GLU A 399 34.75 44.80 -23.36
N ALA A 400 34.40 45.60 -24.37
CA ALA A 400 34.63 47.04 -24.35
C ALA A 400 33.35 47.73 -23.88
N LEU A 401 33.41 48.34 -22.70
CA LEU A 401 32.27 49.06 -22.12
C LEU A 401 31.05 48.15 -21.99
N GLY A 402 31.28 46.91 -21.57
CA GLY A 402 30.20 45.94 -21.40
C GLY A 402 30.65 44.88 -20.40
N GLY A 403 29.75 44.51 -19.51
CA GLY A 403 30.07 43.49 -18.51
C GLY A 403 29.74 42.10 -19.05
N PRO A 404 30.59 41.11 -18.77
CA PRO A 404 30.32 39.75 -19.26
C PRO A 404 29.18 39.10 -18.49
N GLY A 405 28.78 37.93 -18.97
CA GLY A 405 27.71 37.16 -18.37
C GLY A 405 28.25 35.91 -17.71
N GLN A 406 27.57 35.46 -16.65
CA GLN A 406 27.96 34.27 -15.91
C GLN A 406 27.20 33.08 -16.48
N VAL A 407 27.83 32.36 -17.40
CA VAL A 407 27.19 31.21 -18.02
C VAL A 407 27.16 30.04 -17.04
N LEU A 408 26.01 29.38 -16.96
CA LEU A 408 25.83 28.24 -16.07
C LEU A 408 25.29 27.06 -16.86
N ILE A 409 25.69 25.86 -16.44
CA ILE A 409 25.27 24.62 -17.08
C ILE A 409 24.33 23.89 -16.14
N CYS A 410 23.30 23.26 -16.71
CA CYS A 410 22.30 22.51 -15.96
C CYS A 410 22.47 21.03 -16.24
N ALA A 411 22.43 20.22 -15.18
CA ALA A 411 22.59 18.77 -15.29
C ALA A 411 21.31 18.08 -14.82
N SER A 412 21.11 16.85 -15.30
CA SER A 412 19.93 16.09 -14.93
C SER A 412 20.05 15.53 -13.52
N ASP A 413 21.22 15.02 -13.15
CA ASP A 413 21.46 14.45 -11.83
C ASP A 413 22.79 14.95 -11.30
N ASP A 414 23.15 14.47 -10.10
CA ASP A 414 24.41 14.89 -9.49
C ASP A 414 25.62 14.20 -10.13
N ARG A 415 25.44 12.97 -10.62
CA ARG A 415 26.55 12.27 -11.25
C ARG A 415 26.97 12.95 -12.54
N THR A 416 26.01 13.37 -13.36
CA THR A 416 26.33 14.07 -14.60
C THR A 416 26.98 15.42 -14.30
N CYS A 417 26.52 16.11 -13.25
CA CYS A 417 27.14 17.37 -12.87
C CYS A 417 28.58 17.17 -12.42
N SER A 418 28.83 16.13 -11.62
CA SER A 418 30.20 15.86 -11.18
C SER A 418 31.09 15.48 -12.36
N GLN A 419 30.55 14.70 -13.31
CA GLN A 419 31.32 14.33 -14.48
C GLN A 419 31.66 15.55 -15.32
N LEU A 420 30.70 16.44 -15.53
CA LEU A 420 30.95 17.64 -16.31
C LEU A 420 31.92 18.59 -15.60
N ARG A 421 31.90 18.61 -14.27
CA ARG A 421 32.83 19.44 -13.52
C ARG A 421 34.23 18.86 -13.52
N ASP A 422 34.36 17.53 -13.56
CA ASP A 422 35.67 16.90 -13.56
C ASP A 422 36.28 16.85 -14.95
N TYR A 423 35.46 16.83 -16.00
CA TYR A 423 35.99 16.77 -17.36
C TYR A 423 36.58 18.11 -17.80
N ILE A 424 36.02 19.21 -17.31
CA ILE A 424 36.49 20.53 -17.73
C ILE A 424 37.87 20.82 -17.15
N THR A 425 38.03 20.60 -15.84
CA THR A 425 39.28 20.92 -15.16
C THR A 425 40.40 19.91 -15.45
N LEU A 426 40.08 18.76 -16.04
CA LEU A 426 41.08 17.74 -16.34
C LEU A 426 41.26 17.52 -17.83
N GLY A 427 40.19 17.22 -18.56
CA GLY A 427 40.25 16.96 -19.97
C GLY A 427 39.45 15.74 -20.35
N ALA A 428 39.49 15.41 -21.64
CA ALA A 428 38.78 14.26 -22.16
C ALA A 428 39.62 12.99 -22.10
N GLU A 429 40.79 13.00 -22.72
CA GLU A 429 41.66 11.82 -22.72
C GLU A 429 42.18 11.53 -21.32
N ALA A 430 42.50 12.57 -20.55
CA ALA A 430 42.98 12.36 -19.19
C ALA A 430 41.92 11.69 -18.33
N PHE A 431 40.67 12.15 -18.42
CA PHE A 431 39.60 11.53 -17.64
C PHE A 431 39.29 10.13 -18.14
N LEU A 432 39.35 9.91 -19.45
CA LEU A 432 39.11 8.57 -19.98
C LEU A 432 40.19 7.59 -19.54
N LEU A 433 41.43 8.06 -19.40
CA LEU A 433 42.50 7.19 -18.91
C LEU A 433 42.39 6.96 -17.40
N ARG A 434 41.99 8.00 -16.65
CA ARG A 434 41.84 7.87 -15.21
C ARG A 434 40.72 6.89 -14.87
N LEU A 435 39.58 7.00 -15.54
CA LEU A 435 38.46 6.10 -15.28
C LEU A 435 38.79 4.67 -15.69
N TYR A 436 39.67 4.50 -16.69
CA TYR A 436 40.05 3.16 -17.12
C TYR A 436 41.10 2.54 -16.21
N ARG A 437 41.99 3.35 -15.63
CA ARG A 437 43.02 2.84 -14.74
C ARG A 437 42.57 2.78 -13.28
N LYS A 438 41.44 3.39 -12.94
CA LYS A 438 40.97 3.35 -11.55
C LYS A 438 40.47 1.96 -11.18
N THR A 439 39.46 1.46 -11.91
CA THR A 439 38.89 0.14 -11.66
C THR A 439 39.47 -0.94 -12.56
N PHE A 440 39.55 -0.68 -13.85
CA PHE A 440 40.08 -1.63 -14.83
C PHE A 440 39.36 -2.97 -14.77
N LEU A 551 30.42 32.30 -11.87
CA LEU A 551 30.83 32.00 -13.23
C LEU A 551 31.19 30.53 -13.40
N THR A 552 30.66 29.92 -14.47
CA THR A 552 30.90 28.51 -14.78
C THR A 552 30.50 27.62 -13.61
N ILE A 553 29.25 27.78 -13.16
CA ILE A 553 28.70 27.02 -12.05
C ILE A 553 27.70 26.01 -12.60
N ILE A 554 27.80 24.77 -12.14
CA ILE A 554 26.92 23.68 -12.58
C ILE A 554 26.05 23.28 -11.41
N HIS A 555 24.74 23.15 -11.66
CA HIS A 555 23.78 22.78 -10.65
C HIS A 555 22.77 21.80 -11.23
N PRO A 556 22.45 20.73 -10.51
CA PRO A 556 21.48 19.75 -11.02
C PRO A 556 20.07 20.32 -11.02
N LEU A 557 19.18 19.61 -11.71
CA LEU A 557 17.78 19.99 -11.83
C LEU A 557 16.84 19.03 -11.12
N LEU A 558 16.93 17.74 -11.42
CA LEU A 558 16.08 16.74 -10.79
C LEU A 558 16.78 16.11 -9.60
N GLY A 559 16.05 15.94 -8.52
CA GLY A 559 16.61 15.36 -7.32
C GLY A 559 15.69 15.61 -6.13
N CYS A 560 16.19 15.20 -4.95
CA CYS A 560 15.44 15.38 -3.72
C CYS A 560 15.38 16.83 -3.28
N SER A 561 16.24 17.69 -3.83
CA SER A 561 16.26 19.09 -3.44
C SER A 561 15.00 19.79 -3.93
N ASP A 562 14.47 20.69 -3.10
CA ASP A 562 13.27 21.42 -3.46
C ASP A 562 13.57 22.45 -4.55
N PRO A 563 12.61 22.71 -5.43
CA PRO A 563 12.84 23.72 -6.49
C PRO A 563 13.02 25.13 -5.96
N TYR A 564 12.63 25.40 -4.71
CA TYR A 564 12.81 26.74 -4.15
C TYR A 564 14.28 27.08 -4.01
N ALA A 565 15.11 26.11 -3.64
CA ALA A 565 16.55 26.36 -3.55
C ALA A 565 17.15 26.69 -4.91
N LEU A 566 16.74 25.95 -5.95
CA LEU A 566 17.23 26.24 -7.29
C LEU A 566 16.76 27.61 -7.77
N THR A 567 15.51 27.98 -7.44
CA THR A 567 15.01 29.30 -7.81
C THR A 567 15.79 30.40 -7.10
N ARG A 568 16.09 30.21 -5.82
CA ARG A 568 16.87 31.20 -5.09
C ARG A 568 18.29 31.31 -5.64
N VAL A 569 18.88 30.18 -6.03
CA VAL A 569 20.22 30.20 -6.61
C VAL A 569 20.20 30.94 -7.95
N LEU A 570 19.17 30.69 -8.77
CA LEU A 570 19.08 31.37 -10.06
C LEU A 570 18.80 32.86 -9.89
N HIS A 571 18.08 33.24 -8.83
CA HIS A 571 17.78 34.65 -8.59
C HIS A 571 18.93 35.38 -7.91
N GLU A 572 19.85 34.66 -7.26
CA GLU A 572 20.97 35.31 -6.59
C GLU A 572 21.89 35.99 -7.59
N VAL A 573 22.25 35.30 -8.66
CA VAL A 573 23.13 35.84 -9.69
C VAL A 573 22.35 35.88 -11.01
N GLU A 574 22.43 37.02 -11.70
CA GLU A 574 21.73 37.20 -12.97
C GLU A 574 22.62 36.73 -14.10
N PRO A 575 22.29 35.64 -14.80
CA PRO A 575 23.13 35.18 -15.90
C PRO A 575 22.77 35.83 -17.23
N ARG A 576 23.53 35.50 -18.28
CA ARG A 576 23.25 35.99 -19.62
C ARG A 576 23.08 34.89 -20.65
N TYR A 577 23.75 33.75 -20.49
CA TYR A 577 23.61 32.60 -21.37
C TYR A 577 23.34 31.38 -20.52
N VAL A 578 22.14 30.81 -20.63
CA VAL A 578 21.74 29.65 -19.85
C VAL A 578 21.62 28.45 -20.77
N VAL A 579 22.16 27.32 -20.34
CA VAL A 579 22.11 26.05 -21.09
C VAL A 579 21.12 25.14 -20.38
N LEU A 580 20.14 24.63 -21.13
CA LEU A 580 19.10 23.78 -20.58
C LEU A 580 19.16 22.41 -21.24
N TYR A 581 18.53 21.44 -20.57
CA TYR A 581 18.47 20.06 -21.04
C TYR A 581 17.10 19.72 -21.61
N ASP A 582 16.48 20.66 -22.32
CA ASP A 582 15.17 20.48 -22.94
C ASP A 582 14.09 20.15 -21.90
N ALA A 583 14.22 20.77 -20.72
CA ALA A 583 13.25 20.58 -19.65
C ALA A 583 12.17 21.66 -19.71
N GLU A 584 10.92 21.25 -19.51
CA GLU A 584 9.81 22.18 -19.58
C GLU A 584 9.75 23.08 -18.34
N LEU A 585 10.05 22.53 -17.17
CA LEU A 585 9.99 23.32 -15.94
C LEU A 585 11.03 24.44 -15.95
N THR A 586 12.26 24.12 -16.34
CA THR A 586 13.29 25.14 -16.40
C THR A 586 12.98 26.19 -17.46
N PHE A 587 12.39 25.77 -18.58
CA PHE A 587 12.00 26.72 -19.62
C PHE A 587 10.91 27.66 -19.12
N VAL A 588 9.92 27.13 -18.41
CA VAL A 588 8.87 27.98 -17.86
C VAL A 588 9.44 28.93 -16.82
N ARG A 589 10.38 28.45 -16.00
CA ARG A 589 11.00 29.31 -15.00
C ARG A 589 11.78 30.44 -15.66
N GLN A 590 12.54 30.12 -16.71
CA GLN A 590 13.29 31.15 -17.43
C GLN A 590 12.36 32.15 -18.10
N LEU A 591 11.25 31.67 -18.66
CA LEU A 591 10.27 32.58 -19.27
C LEU A 591 9.67 33.52 -18.24
N GLU A 592 9.33 32.98 -17.06
CA GLU A 592 8.77 33.82 -16.01
C GLU A 592 9.80 34.83 -15.51
N ILE A 593 11.07 34.42 -15.39
CA ILE A 593 12.11 35.34 -14.96
C ILE A 593 12.30 36.46 -15.99
N TYR A 594 12.28 36.12 -17.27
CA TYR A 594 12.44 37.13 -18.30
C TYR A 594 11.24 38.07 -18.36
N ARG A 595 10.03 37.55 -18.11
CA ARG A 595 8.83 38.38 -18.13
C ARG A 595 8.68 39.22 -16.87
N ALA A 596 9.33 38.83 -15.77
CA ALA A 596 9.22 39.61 -14.54
C ALA A 596 10.01 40.90 -14.64
N SER A 597 11.20 40.86 -15.23
CA SER A 597 12.06 42.02 -15.40
C SER A 597 11.95 42.50 -16.84
N ARG A 598 11.23 43.61 -17.04
CA ARG A 598 11.07 44.13 -18.39
C ARG A 598 12.33 44.80 -18.90
N PRO A 599 12.94 45.82 -18.20
CA PRO A 599 14.14 46.48 -18.70
C PRO A 599 15.43 45.76 -18.31
N GLY A 600 15.50 44.46 -18.61
CA GLY A 600 16.65 43.65 -18.29
C GLY A 600 17.50 43.32 -19.52
N LYS A 601 18.57 42.58 -19.25
CA LYS A 601 19.48 42.18 -20.32
C LYS A 601 18.89 41.01 -21.10
N PRO A 602 19.14 40.96 -22.42
CA PRO A 602 18.61 39.85 -23.22
C PRO A 602 19.30 38.53 -22.91
N LEU A 603 18.56 37.61 -22.29
CA LEU A 603 19.10 36.30 -21.94
C LEU A 603 18.88 35.31 -23.07
N ARG A 604 19.87 34.46 -23.30
CA ARG A 604 19.84 33.48 -24.38
C ARG A 604 19.83 32.07 -23.78
N VAL A 605 18.83 31.29 -24.15
CA VAL A 605 18.68 29.92 -23.68
C VAL A 605 19.06 28.97 -24.81
N TYR A 606 20.01 28.08 -24.54
CA TYR A 606 20.49 27.12 -25.51
C TYR A 606 19.75 25.80 -25.34
N PHE A 607 19.64 25.06 -26.45
CA PHE A 607 18.95 23.78 -26.48
C PHE A 607 19.91 22.69 -26.95
N LEU A 608 19.77 21.49 -26.37
CA LEU A 608 20.60 20.34 -26.73
C LEU A 608 19.67 19.16 -26.97
N ILE A 609 19.41 18.86 -28.24
CA ILE A 609 18.53 17.76 -28.65
C ILE A 609 19.28 16.90 -29.66
N TYR A 610 19.47 15.63 -29.34
CA TYR A 610 20.15 14.71 -30.23
C TYR A 610 19.19 14.20 -31.30
N GLY A 611 19.76 13.72 -32.40
CA GLY A 611 18.98 13.18 -33.50
C GLY A 611 18.29 11.88 -33.15
N GLY A 612 16.97 11.91 -33.03
CA GLY A 612 16.22 10.72 -32.68
C GLY A 612 16.49 10.20 -31.29
N SER A 613 16.57 11.09 -30.30
CA SER A 613 16.85 10.70 -28.93
C SER A 613 15.55 10.44 -28.17
N THR A 614 15.70 9.80 -27.01
CA THR A 614 14.54 9.49 -26.19
C THR A 614 14.01 10.73 -25.46
N GLU A 615 14.89 11.67 -25.12
CA GLU A 615 14.47 12.86 -24.40
C GLU A 615 13.56 13.73 -25.26
N GLU A 616 13.89 13.89 -26.54
CA GLU A 616 13.05 14.68 -27.43
C GLU A 616 11.68 14.04 -27.62
N GLN A 617 11.64 12.72 -27.81
CA GLN A 617 10.36 12.04 -27.96
C GLN A 617 9.53 12.14 -26.69
N ARG A 618 10.18 12.03 -25.52
CA ARG A 618 9.45 12.16 -24.26
C ARG A 618 8.89 13.57 -24.08
N TYR A 619 9.69 14.59 -24.40
CA TYR A 619 9.23 15.96 -24.27
C TYR A 619 8.11 16.27 -25.27
N LEU A 620 8.13 15.64 -26.43
CA LEU A 620 7.05 15.83 -27.40
C LEU A 620 5.77 15.14 -26.94
N THR A 621 5.90 13.90 -26.44
CA THR A 621 4.72 13.18 -25.98
C THR A 621 4.08 13.85 -24.76
N ALA A 622 4.91 14.38 -23.86
CA ALA A 622 4.37 15.07 -22.70
C ALA A 622 3.61 16.32 -23.11
N LEU A 623 4.16 17.10 -24.05
CA LEU A 623 3.46 18.29 -24.53
C LEU A 623 2.17 17.92 -25.25
N ARG A 624 2.19 16.84 -26.04
CA ARG A 624 0.97 16.41 -26.72
C ARG A 624 -0.09 15.98 -25.73
N LYS A 625 0.30 15.23 -24.69
CA LYS A 625 -0.66 14.80 -23.68
C LYS A 625 -1.21 16.00 -22.91
N GLU A 626 -0.36 16.98 -22.60
CA GLU A 626 -0.84 18.17 -21.90
C GLU A 626 -1.82 18.95 -22.77
N LYS A 627 -1.52 19.09 -24.07
CA LYS A 627 -2.43 19.79 -24.97
C LYS A 627 -3.75 19.06 -25.09
N GLU A 628 -3.71 17.73 -25.19
CA GLU A 628 -4.95 16.96 -25.27
C GLU A 628 -5.77 17.09 -23.99
N ALA A 629 -5.11 17.04 -22.84
CA ALA A 629 -5.82 17.19 -21.57
C ALA A 629 -6.45 18.57 -21.45
N PHE A 630 -5.72 19.62 -21.88
CA PHE A 630 -6.28 20.96 -21.84
C PHE A 630 -7.47 21.10 -22.77
N GLU A 631 -7.37 20.55 -23.99
CA GLU A 631 -8.48 20.63 -24.94
C GLU A 631 -9.69 19.83 -24.45
N LYS A 632 -9.46 18.74 -23.72
CA LYS A 632 -10.58 17.98 -23.18
C LYS A 632 -11.21 18.70 -22.00
N LEU A 633 -10.41 19.33 -21.14
CA LEU A 633 -10.94 20.06 -20.00
C LEU A 633 -11.73 21.29 -20.46
N ILE A 634 -11.24 21.98 -21.49
CA ILE A 634 -11.96 23.14 -22.01
C ILE A 634 -13.32 22.72 -22.55
N ARG A 635 -13.36 21.61 -23.30
CA ARG A 635 -14.63 21.13 -23.86
C ARG A 635 -15.57 20.63 -22.77
N GLU A 636 -15.03 20.05 -21.70
CA GLU A 636 -15.88 19.60 -20.61
C GLU A 636 -16.41 20.77 -19.80
N LYS A 637 -15.64 21.86 -19.70
CA LYS A 637 -16.11 23.04 -18.98
C LYS A 637 -17.14 23.81 -19.79
N ALA A 638 -16.94 23.92 -21.11
CA ALA A 638 -17.86 24.64 -21.98
C ALA A 638 -19.11 23.84 -22.33
N SER A 639 -19.31 22.68 -21.71
CA SER A 639 -20.48 21.85 -21.96
C SER A 639 -21.43 21.77 -20.79
N MET A 640 -21.14 22.47 -19.69
CA MET A 640 -22.01 22.45 -18.52
C MET A 640 -23.11 23.50 -18.65
N THR A 680 -35.85 10.93 9.35
CA THR A 680 -35.22 10.32 10.52
C THR A 680 -33.79 9.91 10.22
N GLN A 681 -32.85 10.39 11.03
CA GLN A 681 -31.43 10.08 10.87
C GLN A 681 -31.01 9.01 11.87
N GLN A 682 -29.84 8.44 11.60
CA GLN A 682 -29.28 7.39 12.45
C GLN A 682 -27.87 7.78 12.88
N SER A 683 -27.42 7.17 13.97
CA SER A 683 -26.09 7.41 14.51
C SER A 683 -25.37 6.09 14.73
N ILE A 684 -24.05 6.12 14.57
CA ILE A 684 -23.21 4.93 14.73
C ILE A 684 -21.98 5.32 15.53
N VAL A 685 -21.72 4.59 16.61
CA VAL A 685 -20.57 4.85 17.47
C VAL A 685 -19.35 4.20 16.84
N VAL A 686 -18.34 5.00 16.53
CA VAL A 686 -17.11 4.55 15.89
C VAL A 686 -15.93 4.88 16.78
N ASP A 687 -15.01 3.93 16.93
CA ASP A 687 -13.85 4.13 17.77
C ASP A 687 -12.91 5.18 17.17
N MET A 688 -12.14 5.83 18.03
CA MET A 688 -11.21 6.86 17.57
C MET A 688 -10.03 6.25 16.84
N ARG A 689 -9.57 5.08 17.28
CA ARG A 689 -8.42 4.42 16.67
C ARG A 689 -8.75 3.72 15.36
N GLU A 690 -10.01 3.74 14.93
CA GLU A 690 -10.45 3.11 13.70
C GLU A 690 -10.89 4.13 12.66
N PHE A 691 -10.18 5.26 12.60
CA PHE A 691 -10.50 6.33 11.66
C PHE A 691 -9.60 6.33 10.43
N ARG A 692 -8.55 5.51 10.41
CA ARG A 692 -7.65 5.45 9.26
C ARG A 692 -8.20 4.59 8.13
N SER A 693 -9.17 3.73 8.40
CA SER A 693 -9.74 2.87 7.39
C SER A 693 -10.70 3.64 6.49
N GLU A 694 -11.10 3.00 5.39
CA GLU A 694 -12.02 3.61 4.44
C GLU A 694 -13.48 3.48 4.85
N LEU A 695 -13.78 2.77 5.95
CA LEU A 695 -15.17 2.61 6.36
C LEU A 695 -15.78 3.91 6.86
N PRO A 696 -15.14 4.70 7.74
CA PRO A 696 -15.75 5.98 8.14
C PRO A 696 -15.86 6.98 7.01
N SER A 697 -15.01 6.88 5.98
CA SER A 697 -15.10 7.81 4.85
C SER A 697 -16.31 7.51 3.98
N LEU A 698 -16.76 6.25 3.95
CA LEU A 698 -17.92 5.86 3.17
C LEU A 698 -19.20 5.80 3.98
N ILE A 699 -19.12 5.76 5.31
CA ILE A 699 -20.32 5.71 6.14
C ILE A 699 -21.04 7.05 6.11
N HIS A 700 -20.29 8.15 6.24
CA HIS A 700 -20.89 9.48 6.24
C HIS A 700 -21.42 9.86 4.86
N ARG A 701 -20.97 9.20 3.80
CA ARG A 701 -21.43 9.50 2.45
C ARG A 701 -22.80 8.91 2.15
N ARG A 702 -23.19 7.84 2.85
CA ARG A 702 -24.48 7.21 2.60
C ARG A 702 -25.64 8.05 3.12
N GLY A 703 -25.38 8.98 4.04
CA GLY A 703 -26.41 9.85 4.59
C GLY A 703 -26.56 9.74 6.10
N ILE A 704 -26.15 8.63 6.70
CA ILE A 704 -26.28 8.46 8.14
C ILE A 704 -25.23 9.31 8.86
N ASP A 705 -25.60 9.83 10.02
CA ASP A 705 -24.70 10.66 10.81
C ASP A 705 -23.67 9.80 11.52
N ILE A 706 -22.68 10.46 12.11
CA ILE A 706 -21.60 9.80 12.83
C ILE A 706 -21.42 10.51 14.17
N GLU A 707 -21.56 9.76 15.27
CA GLU A 707 -21.40 10.28 16.62
C GLU A 707 -20.25 9.53 17.28
N PRO A 708 -19.02 9.96 17.07
CA PRO A 708 -17.87 9.27 17.66
C PRO A 708 -17.58 9.70 19.09
N VAL A 709 -17.01 8.77 19.85
CA VAL A 709 -16.65 9.01 21.24
C VAL A 709 -15.56 8.02 21.62
N THR A 710 -14.82 8.34 22.68
CA THR A 710 -13.75 7.46 23.13
C THR A 710 -14.34 6.19 23.75
N LEU A 711 -13.64 5.08 23.55
CA LEU A 711 -14.08 3.79 24.07
C LEU A 711 -12.84 2.96 24.40
N GLU A 712 -13.09 1.74 24.90
CA GLU A 712 -12.03 0.82 25.26
C GLU A 712 -12.16 -0.53 24.57
N VAL A 713 -13.38 -1.02 24.35
CA VAL A 713 -13.63 -2.29 23.70
C VAL A 713 -14.55 -2.06 22.51
N GLY A 714 -14.31 -2.79 21.43
CA GLY A 714 -15.11 -2.67 20.23
C GLY A 714 -14.69 -1.50 19.37
N ASP A 715 -15.12 -1.54 18.11
CA ASP A 715 -14.82 -0.50 17.14
C ASP A 715 -16.06 0.15 16.54
N TYR A 716 -17.10 -0.62 16.26
CA TYR A 716 -18.34 -0.10 15.70
C TYR A 716 -19.51 -0.60 16.53
N ILE A 717 -20.40 0.32 16.88
CA ILE A 717 -21.58 0.02 17.69
C ILE A 717 -22.79 0.58 16.95
N LEU A 718 -23.55 -0.30 16.30
CA LEU A 718 -24.76 0.11 15.59
C LEU A 718 -25.98 0.16 16.50
N THR A 719 -25.98 -0.58 17.60
CA THR A 719 -27.08 -0.59 18.55
C THR A 719 -26.51 -0.97 19.91
N PRO A 720 -27.12 -0.48 21.00
CA PRO A 720 -26.58 -0.80 22.34
C PRO A 720 -26.54 -2.30 22.65
N GLU A 721 -27.17 -3.14 21.85
CA GLU A 721 -27.15 -4.58 22.05
C GLU A 721 -26.20 -5.31 21.11
N MET A 722 -25.36 -4.57 20.37
CA MET A 722 -24.44 -5.19 19.43
C MET A 722 -23.17 -4.35 19.34
N CYS A 723 -22.03 -5.03 19.29
CA CYS A 723 -20.73 -4.38 19.13
C CYS A 723 -19.93 -5.12 18.09
N VAL A 724 -19.47 -4.41 17.06
CA VAL A 724 -18.74 -4.98 15.94
C VAL A 724 -17.31 -4.49 15.97
N GLU A 725 -16.38 -5.40 15.72
CA GLU A 725 -14.96 -5.08 15.61
C GLU A 725 -14.45 -5.57 14.26
N ARG A 726 -13.74 -4.69 13.55
CA ARG A 726 -13.26 -4.98 12.21
C ARG A 726 -11.81 -5.45 12.26
N LYS A 727 -11.52 -6.52 11.52
CA LYS A 727 -10.17 -7.06 11.44
C LYS A 727 -9.84 -7.36 9.98
N SER A 728 -8.68 -6.88 9.53
CA SER A 728 -8.25 -7.09 8.16
C SER A 728 -7.65 -8.48 7.99
N ILE A 729 -7.17 -8.76 6.78
CA ILE A 729 -6.58 -10.07 6.51
C ILE A 729 -5.19 -10.20 7.12
N SER A 730 -4.56 -9.09 7.51
CA SER A 730 -3.25 -9.10 8.14
C SER A 730 -3.30 -8.93 9.64
N ASP A 731 -4.24 -8.13 10.14
CA ASP A 731 -4.35 -7.92 11.58
C ASP A 731 -4.99 -9.10 12.30
N LEU A 732 -5.77 -9.92 11.59
CA LEU A 732 -6.40 -11.08 12.24
C LEU A 732 -5.36 -12.09 12.70
N ILE A 733 -4.33 -12.34 11.89
CA ILE A 733 -3.28 -13.27 12.29
C ILE A 733 -2.52 -12.73 13.49
N GLY A 734 -2.20 -11.44 13.48
CA GLY A 734 -1.50 -10.85 14.60
C GLY A 734 -2.32 -10.81 15.87
N SER A 735 -3.64 -10.74 15.75
CA SER A 735 -4.51 -10.75 16.92
C SER A 735 -4.76 -12.16 17.43
N LEU A 736 -4.71 -13.16 16.55
CA LEU A 736 -4.91 -14.54 16.96
C LEU A 736 -3.63 -15.20 17.45
N ASN A 737 -2.46 -14.71 17.04
CA ASN A 737 -1.21 -15.30 17.51
C ASN A 737 -0.78 -14.76 18.86
N ASN A 738 -1.06 -13.48 19.13
CA ASN A 738 -0.66 -12.90 20.41
C ASN A 738 -1.62 -13.29 21.53
N GLY A 739 -2.90 -13.47 21.23
CA GLY A 739 -3.88 -13.84 22.23
C GLY A 739 -4.78 -12.71 22.70
N ARG A 740 -4.62 -11.51 22.16
CA ARG A 740 -5.46 -10.39 22.58
C ARG A 740 -6.90 -10.52 22.10
N LEU A 741 -7.13 -11.30 21.03
CA LEU A 741 -8.49 -11.46 20.53
C LEU A 741 -9.38 -12.17 21.55
N TYR A 742 -8.87 -13.23 22.19
CA TYR A 742 -9.65 -13.94 23.20
C TYR A 742 -9.93 -13.04 24.41
N SER A 743 -8.95 -12.23 24.80
CA SER A 743 -9.15 -11.33 25.93
C SER A 743 -10.18 -10.25 25.60
N GLN A 744 -10.16 -9.75 24.36
CA GLN A 744 -11.14 -8.75 23.95
C GLN A 744 -12.53 -9.35 23.81
N CYS A 745 -12.63 -10.62 23.41
CA CYS A 745 -13.93 -11.25 23.26
C CYS A 745 -14.52 -11.63 24.61
N ILE A 746 -13.68 -12.07 25.56
CA ILE A 746 -14.18 -12.45 26.87
C ILE A 746 -14.55 -11.23 27.71
N SER A 747 -14.10 -10.04 27.32
CA SER A 747 -14.42 -8.82 28.04
C SER A 747 -15.60 -8.07 27.46
N MET A 748 -16.05 -8.44 26.26
CA MET A 748 -17.18 -7.79 25.61
C MET A 748 -18.50 -8.52 25.83
N SER A 749 -18.48 -9.86 25.85
CA SER A 749 -19.69 -10.63 26.06
C SER A 749 -20.18 -10.63 27.50
N ARG A 750 -19.40 -10.07 28.42
CA ARG A 750 -19.80 -10.01 29.83
C ARG A 750 -20.80 -8.90 30.11
N TYR A 751 -20.84 -7.86 29.29
CA TYR A 751 -21.76 -6.75 29.48
C TYR A 751 -22.75 -6.59 28.33
N TYR A 752 -22.28 -6.68 27.08
CA TYR A 752 -23.17 -6.54 25.94
C TYR A 752 -23.91 -7.85 25.67
N LYS A 753 -24.83 -7.79 24.70
CA LYS A 753 -25.67 -8.94 24.39
C LYS A 753 -25.09 -9.81 23.27
N ARG A 754 -24.89 -9.22 22.09
CA ARG A 754 -24.42 -9.96 20.92
C ARG A 754 -23.20 -9.26 20.34
N PRO A 755 -22.00 -9.58 20.83
CA PRO A 755 -20.78 -9.01 20.24
C PRO A 755 -20.34 -9.82 19.02
N VAL A 756 -20.31 -9.16 17.87
CA VAL A 756 -19.95 -9.80 16.61
C VAL A 756 -18.66 -9.17 16.08
N LEU A 757 -18.12 -9.78 15.03
CA LEU A 757 -16.89 -9.30 14.41
C LEU A 757 -17.04 -9.34 12.90
N LEU A 758 -16.18 -8.57 12.23
CA LEU A 758 -16.15 -8.49 10.78
C LEU A 758 -14.74 -8.75 10.29
N ILE A 759 -14.60 -9.53 9.23
CA ILE A 759 -13.32 -9.90 8.65
C ILE A 759 -13.28 -9.35 7.23
N GLU A 760 -12.26 -8.54 6.95
CA GLU A 760 -12.07 -7.93 5.63
C GLU A 760 -10.96 -8.67 4.89
N PHE A 761 -11.31 -9.26 3.76
CA PHE A 761 -10.36 -9.98 2.92
C PHE A 761 -10.29 -9.32 1.54
N ASP A 762 -9.55 -9.95 0.63
CA ASP A 762 -9.36 -9.44 -0.71
C ASP A 762 -9.82 -10.47 -1.73
N PRO A 763 -10.66 -10.10 -2.69
CA PRO A 763 -11.11 -11.07 -3.70
C PRO A 763 -10.08 -11.37 -4.78
N SER A 764 -9.14 -10.46 -5.03
CA SER A 764 -8.13 -10.70 -6.06
C SER A 764 -7.15 -11.79 -5.62
N LYS A 765 -6.58 -11.65 -4.41
CA LYS A 765 -5.65 -12.61 -3.84
C LYS A 765 -6.24 -13.13 -2.54
N PRO A 766 -7.17 -14.09 -2.61
CA PRO A 766 -7.78 -14.62 -1.39
C PRO A 766 -6.96 -15.72 -0.76
N PHE A 767 -6.66 -15.58 0.53
CA PHE A 767 -5.90 -16.60 1.24
C PHE A 767 -6.75 -17.85 1.45
N SER A 768 -6.24 -19.00 1.02
CA SER A 768 -6.98 -20.24 1.15
C SER A 768 -7.05 -20.74 2.58
N LEU A 769 -6.11 -20.32 3.44
CA LEU A 769 -6.05 -20.74 4.84
C LEU A 769 -5.98 -22.27 4.95
N THR A 770 -5.24 -22.89 4.04
CA THR A 770 -5.07 -24.33 4.02
C THR A 770 -3.66 -24.66 3.54
N SER A 771 -3.06 -25.68 4.17
CA SER A 771 -1.71 -26.10 3.83
C SER A 771 -1.79 -27.22 2.79
N ARG A 772 -1.13 -26.99 1.64
CA ARG A 772 -1.16 -28.00 0.58
C ARG A 772 -0.29 -29.20 0.93
N GLY A 773 0.90 -28.97 1.44
CA GLY A 773 1.84 -30.02 1.78
C GLY A 773 1.66 -30.61 3.16
N ALA A 774 0.58 -30.26 3.88
CA ALA A 774 0.33 -30.78 5.20
C ALA A 774 -1.09 -31.30 5.40
N LEU A 775 -1.95 -31.19 4.39
CA LEU A 775 -3.33 -31.67 4.52
C LEU A 775 -3.42 -33.18 4.51
N PHE A 776 -2.38 -33.87 4.04
CA PHE A 776 -2.37 -35.33 4.00
C PHE A 776 -1.58 -35.96 5.12
N GLN A 777 -0.69 -35.22 5.78
CA GLN A 777 0.12 -35.73 6.87
C GLN A 777 -0.30 -35.18 8.23
N GLU A 778 -1.46 -34.54 8.31
CA GLU A 778 -1.95 -33.98 9.57
C GLU A 778 -3.45 -34.20 9.64
N ILE A 779 -3.98 -34.11 10.86
CA ILE A 779 -5.41 -34.31 11.12
C ILE A 779 -6.14 -32.96 11.11
N SER A 780 -6.04 -32.28 9.96
CA SER A 780 -6.70 -31.00 9.74
C SER A 780 -6.29 -29.97 10.78
N SER A 781 -4.99 -29.65 10.80
CA SER A 781 -4.44 -28.70 11.74
C SER A 781 -3.52 -27.71 11.05
N ASN A 782 -2.81 -26.89 11.83
CA ASN A 782 -1.84 -25.92 11.33
C ASN A 782 -2.51 -24.92 10.38
N ASP A 783 -3.52 -24.24 10.89
CA ASP A 783 -4.25 -23.25 10.11
C ASP A 783 -4.85 -22.21 11.06
N ILE A 784 -4.95 -20.97 10.56
CA ILE A 784 -5.59 -19.92 11.34
C ILE A 784 -7.07 -20.21 11.52
N SER A 785 -7.72 -20.75 10.48
CA SER A 785 -9.12 -21.12 10.58
C SER A 785 -9.34 -22.19 11.64
N SER A 786 -8.35 -23.05 11.87
CA SER A 786 -8.47 -24.06 12.92
C SER A 786 -8.64 -23.42 14.29
N LYS A 787 -7.85 -22.38 14.58
CA LYS A 787 -8.00 -21.67 15.85
C LYS A 787 -9.26 -20.81 15.87
N LEU A 788 -9.63 -20.25 14.72
CA LEU A 788 -10.85 -19.43 14.66
C LEU A 788 -12.08 -20.29 14.95
N THR A 789 -12.08 -21.54 14.51
CA THR A 789 -13.20 -22.44 14.79
C THR A 789 -13.33 -22.71 16.28
N LEU A 790 -12.21 -22.98 16.95
CA LEU A 790 -12.25 -23.18 18.40
C LEU A 790 -12.70 -21.90 19.11
N LEU A 791 -12.25 -20.75 18.63
CA LEU A 791 -12.63 -19.49 19.26
C LEU A 791 -14.13 -19.23 19.12
N THR A 792 -14.69 -19.46 17.94
CA THR A 792 -16.12 -19.26 17.74
C THR A 792 -16.96 -20.38 18.34
N LEU A 793 -16.36 -21.52 18.65
CA LEU A 793 -17.10 -22.59 19.32
C LEU A 793 -17.15 -22.38 20.82
N HIS A 794 -16.05 -21.90 21.41
CA HIS A 794 -16.05 -21.63 22.86
C HIS A 794 -17.00 -20.50 23.21
N PHE A 795 -17.19 -19.54 22.30
CA PHE A 795 -18.13 -18.43 22.51
C PHE A 795 -19.35 -18.63 21.63
N PRO A 796 -20.48 -19.11 22.18
CA PRO A 796 -21.65 -19.33 21.32
C PRO A 796 -22.27 -18.06 20.79
N ARG A 797 -22.11 -16.93 21.48
CA ARG A 797 -22.67 -15.66 21.04
C ARG A 797 -21.66 -14.88 20.20
N LEU A 798 -21.16 -15.51 19.14
CA LEU A 798 -20.18 -14.90 18.24
C LEU A 798 -20.59 -15.16 16.80
N ARG A 799 -20.61 -14.11 15.99
CA ARG A 799 -20.95 -14.20 14.58
C ARG A 799 -19.75 -13.78 13.73
N ILE A 800 -19.48 -14.55 12.68
CA ILE A 800 -18.35 -14.32 11.79
C ILE A 800 -18.90 -13.75 10.49
N LEU A 801 -18.53 -12.51 10.18
CA LEU A 801 -18.95 -11.82 8.98
C LEU A 801 -17.79 -11.71 8.00
N TRP A 802 -18.13 -11.72 6.71
CA TRP A 802 -17.14 -11.63 5.65
C TRP A 802 -17.58 -10.60 4.62
N CYS A 803 -16.62 -9.78 4.17
CA CYS A 803 -16.90 -8.76 3.17
C CYS A 803 -15.69 -8.69 2.23
N PRO A 804 -15.92 -8.79 0.91
CA PRO A 804 -14.79 -8.76 -0.03
C PRO A 804 -14.31 -7.34 -0.35
N SER A 805 -15.15 -6.33 -0.19
CA SER A 805 -14.80 -4.96 -0.52
C SER A 805 -15.29 -4.03 0.58
N PRO A 806 -14.61 -2.91 0.80
CA PRO A 806 -15.07 -1.95 1.83
C PRO A 806 -16.42 -1.35 1.53
N HIS A 807 -16.88 -1.41 0.27
CA HIS A 807 -18.20 -0.89 -0.08
C HIS A 807 -19.32 -1.82 0.34
N ALA A 808 -19.02 -3.07 0.69
CA ALA A 808 -20.07 -4.00 1.10
C ALA A 808 -20.41 -3.85 2.58
N THR A 809 -19.39 -3.68 3.43
CA THR A 809 -19.65 -3.53 4.86
C THR A 809 -20.36 -2.21 5.17
N ALA A 810 -20.12 -1.17 4.36
CA ALA A 810 -20.81 0.09 4.56
C ALA A 810 -22.31 -0.06 4.35
N GLU A 811 -22.71 -0.86 3.36
CA GLU A 811 -24.12 -1.12 3.14
C GLU A 811 -24.68 -2.13 4.14
N LEU A 812 -23.86 -3.08 4.58
CA LEU A 812 -24.31 -4.05 5.57
C LEU A 812 -24.58 -3.39 6.91
N PHE A 813 -23.78 -2.39 7.27
CA PHE A 813 -24.00 -1.69 8.53
C PHE A 813 -25.29 -0.86 8.49
N GLU A 814 -25.68 -0.37 7.32
CA GLU A 814 -26.92 0.38 7.19
C GLU A 814 -28.14 -0.53 7.04
N GLU A 815 -27.95 -1.73 6.49
CA GLU A 815 -29.06 -2.65 6.34
C GLU A 815 -29.48 -3.26 7.69
N LEU A 816 -28.55 -3.34 8.64
CA LEU A 816 -28.83 -3.89 9.95
C LEU A 816 -29.54 -2.90 10.87
N LYS A 817 -29.77 -1.67 10.42
CA LYS A 817 -30.43 -0.64 11.21
C LYS A 817 -31.78 -0.25 10.61
N GLN A 818 -32.53 -1.26 10.13
CA GLN A 818 -33.85 -0.98 9.55
C GLN A 818 -34.86 -0.67 10.64
N SER A 819 -34.89 -1.47 11.70
CA SER A 819 -35.81 -1.26 12.81
C SER A 819 -35.10 -1.16 14.15
N LYS A 820 -33.77 -1.16 14.18
CA LYS A 820 -33.05 -1.05 15.43
C LYS A 820 -33.03 0.40 15.90
N PRO A 821 -33.13 0.63 17.21
CA PRO A 821 -33.12 2.02 17.71
C PRO A 821 -31.73 2.63 17.60
N GLN A 822 -31.70 3.95 17.73
CA GLN A 822 -30.44 4.69 17.65
C GLN A 822 -29.68 4.57 18.96
N PRO A 823 -28.38 4.26 18.92
CA PRO A 823 -27.62 4.16 20.17
C PRO A 823 -27.32 5.52 20.76
N ASP A 824 -27.12 5.53 22.08
CA ASP A 824 -26.82 6.75 22.82
C ASP A 824 -25.32 6.89 23.02
N ALA A 825 -24.86 8.14 23.07
CA ALA A 825 -23.44 8.42 23.27
C ALA A 825 -23.04 8.44 24.73
N ALA A 826 -24.00 8.52 25.66
CA ALA A 826 -23.68 8.55 27.08
C ALA A 826 -23.41 7.16 27.65
N THR A 827 -23.85 6.10 26.95
CA THR A 827 -23.65 4.73 27.41
C THR A 827 -22.39 4.09 26.83
N ALA A 828 -21.46 4.90 26.34
CA ALA A 828 -20.22 4.39 25.77
C ALA A 828 -19.01 4.96 26.49
N ASN A 845 10.71 -31.49 38.81
CA ASN A 845 9.34 -31.92 39.09
C ASN A 845 8.27 -30.93 38.58
N PRO A 846 8.39 -29.63 38.88
CA PRO A 846 7.38 -28.69 38.37
C PRO A 846 7.47 -28.44 36.87
N GLY A 847 8.65 -28.63 36.26
CA GLY A 847 8.84 -28.42 34.85
C GLY A 847 7.93 -29.27 33.99
N PRO A 848 8.11 -30.59 34.05
CA PRO A 848 7.20 -31.48 33.32
C PRO A 848 5.75 -31.33 33.74
N GLN A 849 5.50 -30.96 35.00
CA GLN A 849 4.12 -30.73 35.43
C GLN A 849 3.47 -29.61 34.65
N ASP A 850 4.12 -28.44 34.59
CA ASP A 850 3.57 -27.34 33.82
C ASP A 850 3.60 -27.61 32.32
N PHE A 851 4.52 -28.46 31.87
CA PHE A 851 4.55 -28.82 30.45
C PHE A 851 3.34 -29.68 30.08
N LEU A 852 2.96 -30.62 30.94
CA LEU A 852 1.80 -31.45 30.69
C LEU A 852 0.50 -30.70 30.94
N LEU A 853 0.51 -29.72 31.85
CA LEU A 853 -0.70 -28.95 32.11
C LEU A 853 -1.10 -28.10 30.90
N LYS A 854 -0.12 -27.61 30.14
CA LYS A 854 -0.42 -26.81 28.96
C LYS A 854 -0.84 -27.65 27.76
N MET A 855 -0.69 -28.97 27.83
CA MET A 855 -1.06 -29.82 26.71
C MET A 855 -2.58 -29.79 26.52
N PRO A 856 -3.06 -29.83 25.28
CA PRO A 856 -4.51 -29.81 25.05
C PRO A 856 -5.15 -31.13 25.46
N GLY A 857 -6.35 -31.02 26.04
CA GLY A 857 -7.09 -32.20 26.44
C GLY A 857 -6.66 -32.80 27.76
N VAL A 858 -6.16 -31.98 28.69
CA VAL A 858 -5.73 -32.45 29.99
C VAL A 858 -6.52 -31.71 31.07
N ASN A 859 -6.44 -32.22 32.29
CA ASN A 859 -7.11 -31.62 33.43
C ASN A 859 -6.32 -31.97 34.69
N ALA A 860 -6.85 -31.56 35.84
CA ALA A 860 -6.19 -31.85 37.11
C ALA A 860 -6.17 -33.35 37.38
N LYS A 861 -7.35 -33.97 37.47
CA LYS A 861 -7.42 -35.40 37.69
C LYS A 861 -6.84 -36.18 36.53
N ASN A 862 -7.01 -35.69 35.30
CA ASN A 862 -6.45 -36.38 34.14
C ASN A 862 -4.93 -36.43 34.22
N CYS A 863 -4.29 -35.30 34.51
CA CYS A 863 -2.84 -35.29 34.64
C CYS A 863 -2.38 -36.08 35.86
N ARG A 864 -3.15 -36.05 36.94
CA ARG A 864 -2.78 -36.82 38.13
C ARG A 864 -2.82 -38.32 37.85
N SER A 865 -3.78 -38.76 37.04
CA SER A 865 -3.86 -40.17 36.69
C SER A 865 -2.85 -40.56 35.62
N LEU A 866 -2.51 -39.65 34.72
CA LEU A 866 -1.55 -39.96 33.67
C LEU A 866 -0.12 -40.00 34.20
N MET A 867 0.22 -39.09 35.11
CA MET A 867 1.58 -39.05 35.66
C MET A 867 1.87 -40.24 36.56
N HIS A 868 0.84 -40.88 37.12
CA HIS A 868 1.05 -42.03 38.00
C HIS A 868 1.33 -43.31 37.23
N HIS A 869 1.05 -43.35 35.93
CA HIS A 869 1.27 -44.52 35.11
C HIS A 869 2.55 -44.42 34.29
N VAL A 870 2.68 -43.38 33.48
CA VAL A 870 3.85 -43.19 32.65
C VAL A 870 4.88 -42.35 33.42
N LYS A 871 6.13 -42.41 32.95
CA LYS A 871 7.23 -41.67 33.55
C LYS A 871 7.78 -40.59 32.63
N ASN A 872 8.13 -40.94 31.40
CA ASN A 872 8.66 -40.01 30.42
C ASN A 872 7.54 -39.55 29.48
N ILE A 873 7.90 -38.64 28.57
CA ILE A 873 6.94 -38.09 27.62
C ILE A 873 7.10 -38.81 26.27
N ALA A 874 8.30 -39.35 26.03
CA ALA A 874 8.55 -40.04 24.77
C ALA A 874 7.73 -41.31 24.64
N GLU A 875 7.50 -42.01 25.76
CA GLU A 875 6.72 -43.25 25.70
C GLU A 875 5.27 -43.00 25.30
N LEU A 876 4.66 -41.96 25.87
CA LEU A 876 3.30 -41.61 25.50
C LEU A 876 3.23 -40.88 24.16
N ALA A 877 4.33 -40.28 23.72
CA ALA A 877 4.34 -39.63 22.41
C ALA A 877 4.45 -40.64 21.28
N ALA A 878 5.25 -41.69 21.47
CA ALA A 878 5.40 -42.72 20.45
C ALA A 878 4.28 -43.75 20.48
N LEU A 879 3.47 -43.78 21.54
CA LEU A 879 2.38 -44.72 21.63
C LEU A 879 1.15 -44.21 20.89
N SER A 880 0.26 -45.15 20.55
CA SER A 880 -0.96 -44.82 19.84
C SER A 880 -2.01 -44.27 20.81
N GLN A 881 -3.19 -43.97 20.28
CA GLN A 881 -4.27 -43.40 21.07
C GLN A 881 -5.14 -44.47 21.73
N ASP A 882 -4.95 -45.74 21.39
CA ASP A 882 -5.77 -46.80 21.98
C ASP A 882 -5.53 -46.91 23.48
N GLU A 883 -4.26 -46.94 23.90
CA GLU A 883 -3.96 -47.01 25.33
C GLU A 883 -4.41 -45.74 26.04
N LEU A 884 -4.28 -44.59 25.39
CA LEU A 884 -4.69 -43.33 26.01
C LEU A 884 -6.20 -43.29 26.23
N THR A 885 -6.98 -43.78 25.27
CA THR A 885 -8.43 -43.81 25.43
C THR A 885 -8.90 -44.98 26.30
N SER A 886 -8.04 -45.98 26.52
CA SER A 886 -8.41 -47.07 27.41
C SER A 886 -8.15 -46.72 28.87
N ILE A 887 -7.03 -46.04 29.15
CA ILE A 887 -6.71 -45.64 30.53
C ILE A 887 -7.53 -44.46 31.01
N LEU A 888 -8.18 -43.73 30.10
CA LEU A 888 -8.98 -42.57 30.46
C LEU A 888 -10.47 -42.78 30.21
N GLY A 889 -10.84 -43.17 28.99
CA GLY A 889 -12.24 -43.39 28.66
C GLY A 889 -12.78 -42.42 27.64
N ASN A 890 -12.37 -41.15 27.75
CA ASN A 890 -12.82 -40.11 26.82
C ASN A 890 -11.90 -40.10 25.60
N ALA A 891 -12.47 -40.42 24.44
CA ALA A 891 -11.70 -40.45 23.20
C ALA A 891 -11.42 -39.06 22.66
N ALA A 892 -12.16 -38.04 23.09
CA ALA A 892 -11.95 -36.70 22.58
C ALA A 892 -10.58 -36.16 23.00
N ASN A 893 -10.18 -36.38 24.26
CA ASN A 893 -8.88 -35.92 24.71
C ASN A 893 -7.75 -36.65 23.99
N ALA A 894 -7.93 -37.96 23.74
CA ALA A 894 -6.93 -38.72 23.01
C ALA A 894 -6.80 -38.21 21.57
N LYS A 895 -7.94 -37.91 20.94
CA LYS A 895 -7.90 -37.39 19.57
C LYS A 895 -7.22 -36.01 19.54
N GLN A 896 -7.50 -35.17 20.54
CA GLN A 896 -6.86 -33.87 20.61
C GLN A 896 -5.36 -34.00 20.80
N LEU A 897 -4.93 -34.92 21.67
CA LEU A 897 -3.50 -35.14 21.87
C LEU A 897 -2.83 -35.67 20.61
N TYR A 898 -3.51 -36.57 19.90
CA TYR A 898 -2.95 -37.09 18.66
C TYR A 898 -2.86 -36.02 17.58
N ASP A 899 -3.84 -35.12 17.52
CA ASP A 899 -3.80 -34.04 16.55
C ASP A 899 -2.73 -33.01 16.90
N PHE A 900 -2.49 -32.78 18.19
CA PHE A 900 -1.51 -31.78 18.60
C PHE A 900 -0.08 -32.30 18.47
N ILE A 901 0.19 -33.48 19.01
CA ILE A 901 1.56 -34.01 19.03
C ILE A 901 1.99 -34.59 17.69
N HIS A 902 1.05 -34.81 16.76
CA HIS A 902 1.38 -35.37 15.44
C HIS A 902 0.78 -34.45 14.38
N THR A 903 1.63 -33.61 13.79
CA THR A 903 1.21 -32.70 12.74
C THR A 903 2.40 -32.38 11.84
N SER A 904 2.12 -31.77 10.70
CA SER A 904 3.14 -31.41 9.73
C SER A 904 3.07 -29.91 9.45
N PHE A 905 4.21 -29.35 9.07
CA PHE A 905 4.33 -27.93 8.76
C PHE A 905 4.53 -27.75 7.26
N ALA A 906 3.83 -26.76 6.70
CA ALA A 906 3.92 -26.47 5.27
C ALA A 906 3.68 -24.99 5.01
N SER B 100 -17.21 -40.40 14.66
CA SER B 100 -18.53 -40.70 15.22
C SER B 100 -19.59 -39.76 14.64
N ILE B 101 -19.23 -39.08 13.55
CA ILE B 101 -20.17 -38.18 12.90
C ILE B 101 -21.24 -38.97 12.16
N ILE B 102 -22.44 -38.39 12.09
CA ILE B 102 -23.58 -39.01 11.41
C ILE B 102 -23.96 -38.12 10.23
N VAL B 103 -23.97 -38.70 9.04
CA VAL B 103 -24.30 -37.97 7.82
C VAL B 103 -25.70 -38.35 7.38
N SER B 104 -26.51 -37.35 7.03
CA SER B 104 -27.86 -37.60 6.59
C SER B 104 -27.85 -38.28 5.22
N PRO B 105 -28.85 -39.13 4.93
CA PRO B 105 -28.90 -39.79 3.62
C PRO B 105 -29.12 -38.84 2.45
N ARG B 106 -29.52 -37.59 2.70
CA ARG B 106 -29.73 -36.65 1.61
C ARG B 106 -28.41 -36.25 0.96
N GLN B 107 -27.31 -36.29 1.70
CA GLN B 107 -26.00 -35.92 1.18
C GLN B 107 -25.29 -37.14 0.59
N ARG B 108 -25.96 -37.77 -0.38
CA ARG B 108 -25.39 -38.95 -1.03
C ARG B 108 -24.24 -38.58 -1.96
N GLY B 109 -24.52 -37.70 -2.92
CA GLY B 109 -23.49 -37.26 -3.85
C GLY B 109 -22.76 -36.02 -3.39
N ASN B 110 -22.08 -36.12 -2.25
CA ASN B 110 -21.33 -34.99 -1.68
C ASN B 110 -19.85 -35.28 -1.74
N PRO B 111 -19.05 -34.44 -2.42
CA PRO B 111 -17.59 -34.68 -2.47
C PRO B 111 -16.89 -34.42 -1.15
N VAL B 112 -17.55 -33.79 -0.18
CA VAL B 112 -16.91 -33.51 1.09
C VAL B 112 -16.77 -34.79 1.91
N LEU B 113 -17.67 -35.75 1.72
CA LEU B 113 -17.59 -37.00 2.47
C LEU B 113 -16.40 -37.86 2.03
N LYS B 114 -15.89 -37.67 0.82
CA LYS B 114 -14.76 -38.41 0.32
C LYS B 114 -13.42 -37.77 0.66
N PHE B 115 -13.42 -36.75 1.52
CA PHE B 115 -12.20 -36.05 1.90
C PHE B 115 -11.78 -36.31 3.33
N VAL B 116 -12.65 -36.88 4.17
CA VAL B 116 -12.31 -37.17 5.55
C VAL B 116 -11.73 -38.58 5.64
N ARG B 117 -10.62 -38.72 6.35
CA ARG B 117 -9.95 -40.01 6.46
C ARG B 117 -9.60 -40.31 7.92
N ASN B 118 -9.43 -39.27 8.73
CA ASN B 118 -9.02 -39.42 10.12
C ASN B 118 -10.20 -39.48 11.09
N VAL B 119 -11.43 -39.39 10.60
CA VAL B 119 -12.61 -39.43 11.44
C VAL B 119 -13.63 -40.37 10.81
N PRO B 120 -14.06 -41.44 11.49
CA PRO B 120 -15.07 -42.32 10.91
C PRO B 120 -16.45 -41.68 10.94
N TRP B 121 -17.28 -42.09 9.97
CA TRP B 121 -18.63 -41.56 9.85
C TRP B 121 -19.62 -42.71 9.76
N GLU B 122 -20.89 -42.39 9.97
CA GLU B 122 -21.96 -43.37 9.90
C GLU B 122 -23.21 -42.69 9.36
N PHE B 123 -24.29 -43.46 9.26
CA PHE B 123 -25.57 -42.97 8.76
C PHE B 123 -26.64 -43.13 9.82
N GLY B 124 -27.62 -42.22 9.79
CA GLY B 124 -28.70 -42.27 10.75
C GLY B 124 -29.78 -41.28 10.39
N ASP B 125 -31.00 -41.57 10.87
CA ASP B 125 -32.16 -40.74 10.60
C ASP B 125 -32.18 -39.58 11.60
N VAL B 126 -31.30 -38.61 11.35
CA VAL B 126 -31.17 -37.43 12.20
C VAL B 126 -31.57 -36.21 11.37
N ILE B 127 -32.13 -35.21 12.06
CA ILE B 127 -32.63 -34.01 11.41
C ILE B 127 -31.48 -33.18 10.83
N PRO B 128 -30.42 -32.86 11.58
CA PRO B 128 -29.31 -32.14 10.97
C PRO B 128 -28.52 -33.01 10.01
N ASP B 129 -27.89 -32.37 9.03
CA ASP B 129 -27.12 -33.11 8.03
C ASP B 129 -25.86 -33.72 8.64
N TYR B 130 -25.13 -32.95 9.43
CA TYR B 130 -23.89 -33.41 10.06
C TYR B 130 -23.96 -33.16 11.55
N VAL B 131 -23.72 -34.21 12.35
CA VAL B 131 -23.73 -34.13 13.80
C VAL B 131 -22.29 -34.31 14.26
N LEU B 132 -21.69 -33.23 14.79
CA LEU B 132 -20.31 -33.26 15.26
C LEU B 132 -20.32 -33.47 16.78
N GLY B 133 -20.57 -34.71 17.18
CA GLY B 133 -20.61 -35.04 18.59
C GLY B 133 -21.94 -34.72 19.25
N GLN B 134 -21.96 -33.67 20.07
CA GLN B 134 -23.17 -33.28 20.77
C GLN B 134 -23.27 -31.75 20.77
N SER B 135 -24.48 -31.25 20.53
CA SER B 135 -24.76 -29.81 20.52
C SER B 135 -23.91 -29.07 19.50
N THR B 136 -23.51 -29.75 18.42
CA THR B 136 -22.70 -29.16 17.35
C THR B 136 -23.20 -29.74 16.03
N CYS B 137 -24.12 -29.03 15.38
CA CYS B 137 -24.70 -29.45 14.11
C CYS B 137 -24.12 -28.61 12.98
N ALA B 138 -23.79 -29.28 11.87
CA ALA B 138 -23.24 -28.63 10.69
C ALA B 138 -24.19 -28.81 9.52
N LEU B 139 -24.17 -27.84 8.60
CA LEU B 139 -25.03 -27.87 7.42
C LEU B 139 -24.22 -27.40 6.22
N PHE B 140 -24.12 -28.25 5.20
CA PHE B 140 -23.38 -27.92 3.99
C PHE B 140 -24.29 -27.25 2.97
N LEU B 141 -23.80 -26.18 2.37
CA LEU B 141 -24.58 -25.45 1.37
C LEU B 141 -23.61 -24.69 0.47
N SER B 142 -23.80 -24.80 -0.84
CA SER B 142 -22.96 -24.13 -1.81
C SER B 142 -23.66 -22.88 -2.35
N LEU B 143 -22.86 -21.98 -2.90
CA LEU B 143 -23.41 -20.73 -3.43
C LEU B 143 -24.19 -20.97 -4.72
N ARG B 144 -23.79 -21.97 -5.51
CA ARG B 144 -24.51 -22.27 -6.75
C ARG B 144 -25.91 -22.79 -6.46
N TYR B 145 -26.05 -23.69 -5.48
CA TYR B 145 -27.37 -24.19 -5.12
C TYR B 145 -28.24 -23.10 -4.50
N HIS B 146 -27.62 -22.14 -3.81
CA HIS B 146 -28.39 -21.04 -3.22
C HIS B 146 -28.85 -20.06 -4.30
N ASN B 147 -28.01 -19.83 -5.32
CA ASN B 147 -28.38 -18.94 -6.41
C ASN B 147 -29.43 -19.58 -7.31
N LEU B 148 -29.34 -20.90 -7.51
CA LEU B 148 -30.33 -21.59 -8.33
C LEU B 148 -31.66 -21.72 -7.60
N HIS B 149 -31.61 -22.14 -6.34
CA HIS B 149 -32.80 -22.29 -5.51
C HIS B 149 -32.71 -21.34 -4.32
N PRO B 150 -33.31 -20.16 -4.40
CA PRO B 150 -33.20 -19.22 -3.27
C PRO B 150 -34.03 -19.63 -2.06
N ASP B 151 -35.17 -20.30 -2.28
CA ASP B 151 -36.02 -20.75 -1.18
C ASP B 151 -35.66 -22.18 -0.77
N TYR B 152 -34.40 -22.37 -0.40
CA TYR B 152 -33.89 -23.67 0.01
C TYR B 152 -33.29 -23.65 1.41
N ILE B 153 -32.55 -22.60 1.77
CA ILE B 153 -31.94 -22.53 3.08
C ILE B 153 -32.89 -21.93 4.12
N HIS B 154 -33.80 -21.04 3.70
CA HIS B 154 -34.73 -20.43 4.64
C HIS B 154 -35.67 -21.47 5.24
N GLY B 155 -36.22 -22.35 4.41
CA GLY B 155 -37.11 -23.39 4.90
C GLY B 155 -36.39 -24.35 5.83
N ARG B 156 -35.15 -24.72 5.50
CA ARG B 156 -34.38 -25.61 6.37
C ARG B 156 -34.07 -24.94 7.71
N LEU B 157 -33.70 -23.66 7.69
CA LEU B 157 -33.42 -22.95 8.93
C LEU B 157 -34.67 -22.77 9.77
N GLN B 158 -35.84 -22.63 9.13
CA GLN B 158 -37.09 -22.49 9.87
C GLN B 158 -37.54 -23.82 10.46
N SER B 159 -37.31 -24.92 9.74
CA SER B 159 -37.70 -26.24 10.23
C SER B 159 -36.70 -26.83 11.20
N LEU B 160 -35.48 -26.30 11.25
CA LEU B 160 -34.49 -26.81 12.19
C LEU B 160 -34.88 -26.52 13.63
N GLY B 161 -35.39 -25.32 13.90
CA GLY B 161 -35.79 -24.96 15.24
C GLY B 161 -34.60 -24.64 16.13
N LYS B 162 -34.86 -24.67 17.43
CA LYS B 162 -33.86 -24.40 18.46
C LYS B 162 -33.73 -25.64 19.34
N ASN B 163 -32.88 -26.57 18.93
CA ASN B 163 -32.65 -27.80 19.67
C ASN B 163 -31.24 -27.92 20.21
N PHE B 164 -30.23 -27.63 19.39
CA PHE B 164 -28.84 -27.72 19.81
C PHE B 164 -28.41 -26.41 20.47
N ALA B 165 -27.27 -26.46 21.16
CA ALA B 165 -26.75 -25.29 21.85
C ALA B 165 -26.11 -24.31 20.88
N LEU B 166 -25.25 -24.81 19.98
CA LEU B 166 -24.55 -23.98 19.02
C LEU B 166 -24.77 -24.54 17.62
N ARG B 167 -25.15 -23.68 16.69
CA ARG B 167 -25.37 -24.06 15.30
C ARG B 167 -24.30 -23.44 14.42
N VAL B 168 -23.62 -24.28 13.65
CA VAL B 168 -22.53 -23.84 12.76
C VAL B 168 -22.97 -24.14 11.34
N LEU B 169 -23.23 -23.09 10.56
CA LEU B 169 -23.64 -23.20 9.16
C LEU B 169 -22.48 -22.79 8.28
N LEU B 170 -21.92 -23.75 7.55
CA LEU B 170 -20.79 -23.50 6.66
C LEU B 170 -21.30 -23.34 5.23
N VAL B 171 -20.68 -22.42 4.50
CA VAL B 171 -21.05 -22.13 3.11
C VAL B 171 -19.77 -22.00 2.29
N GLN B 172 -19.81 -22.51 1.06
CA GLN B 172 -18.69 -22.45 0.15
C GLN B 172 -18.99 -21.47 -0.98
N VAL B 173 -18.09 -20.50 -1.17
CA VAL B 173 -18.27 -19.48 -2.20
C VAL B 173 -17.69 -20.00 -3.51
N ASP B 174 -18.47 -19.86 -4.59
CA ASP B 174 -18.03 -20.28 -5.92
C ASP B 174 -18.35 -19.27 -7.01
N VAL B 175 -19.00 -18.16 -6.68
CA VAL B 175 -19.35 -17.14 -7.65
C VAL B 175 -18.23 -16.11 -7.72
N LYS B 176 -17.94 -15.63 -8.93
CA LYS B 176 -16.89 -14.65 -9.10
C LYS B 176 -17.23 -13.30 -8.50
N ASP B 177 -18.51 -13.02 -8.25
CA ASP B 177 -18.96 -11.77 -7.64
C ASP B 177 -19.78 -12.10 -6.40
N PRO B 178 -19.14 -12.38 -5.27
CA PRO B 178 -19.86 -12.70 -4.03
C PRO B 178 -20.22 -11.46 -3.22
N GLN B 179 -20.95 -10.54 -3.85
CA GLN B 179 -21.34 -9.29 -3.22
C GLN B 179 -22.80 -9.28 -2.77
N GLN B 180 -23.68 -10.02 -3.45
CA GLN B 180 -25.09 -10.06 -3.11
C GLN B 180 -25.48 -11.27 -2.28
N ALA B 181 -24.99 -12.46 -2.64
CA ALA B 181 -25.33 -13.66 -1.89
C ALA B 181 -24.65 -13.67 -0.52
N LEU B 182 -23.42 -13.17 -0.44
CA LEU B 182 -22.71 -13.14 0.83
C LEU B 182 -23.39 -12.22 1.83
N LYS B 183 -23.88 -11.06 1.37
CA LYS B 183 -24.57 -10.14 2.26
C LYS B 183 -25.88 -10.76 2.75
N GLU B 184 -26.61 -11.43 1.88
CA GLU B 184 -27.85 -12.08 2.29
C GLU B 184 -27.58 -13.20 3.29
N LEU B 185 -26.52 -13.98 3.07
CA LEU B 185 -26.17 -15.04 4.01
C LEU B 185 -25.76 -14.46 5.36
N ALA B 186 -25.01 -13.36 5.36
CA ALA B 186 -24.62 -12.73 6.62
C ALA B 186 -25.84 -12.18 7.35
N LYS B 187 -26.77 -11.57 6.61
CA LYS B 187 -27.98 -11.07 7.25
C LYS B 187 -28.82 -12.20 7.83
N MET B 188 -28.91 -13.32 7.11
CA MET B 188 -29.67 -14.47 7.63
C MET B 188 -29.01 -15.05 8.86
N CYS B 189 -27.68 -15.13 8.88
CA CYS B 189 -26.97 -15.65 10.05
C CYS B 189 -27.07 -14.69 11.23
N ILE B 190 -27.15 -13.39 10.98
CA ILE B 190 -27.30 -12.43 12.06
C ILE B 190 -28.70 -12.49 12.64
N LEU B 191 -29.72 -12.56 11.77
CA LEU B 191 -31.10 -12.64 12.25
C LEU B 191 -31.35 -13.93 13.01
N ALA B 192 -30.92 -15.06 12.47
CA ALA B 192 -31.09 -16.34 13.12
C ALA B 192 -29.97 -16.59 14.12
N ASP B 193 -30.01 -17.75 14.75
CA ASP B 193 -29.00 -18.15 15.74
C ASP B 193 -28.12 -19.23 15.11
N CYS B 194 -27.07 -18.79 14.43
CA CYS B 194 -26.13 -19.70 13.77
C CYS B 194 -24.83 -18.97 13.51
N THR B 195 -23.80 -19.74 13.17
CA THR B 195 -22.47 -19.21 12.90
C THR B 195 -22.12 -19.45 11.44
N LEU B 196 -21.67 -18.40 10.76
CA LEU B 196 -21.31 -18.47 9.36
C LEU B 196 -19.85 -18.88 9.21
N ILE B 197 -19.60 -19.85 8.33
CA ILE B 197 -18.25 -20.33 8.04
C ILE B 197 -18.04 -20.27 6.54
N LEU B 198 -17.01 -19.55 6.11
CA LEU B 198 -16.72 -19.37 4.70
C LEU B 198 -15.71 -20.43 4.24
N ALA B 199 -16.05 -21.12 3.15
CA ALA B 199 -15.19 -22.14 2.57
C ALA B 199 -14.93 -21.82 1.10
N TRP B 200 -13.83 -22.38 0.59
CA TRP B 200 -13.45 -22.18 -0.81
C TRP B 200 -13.31 -23.46 -1.60
N SER B 201 -13.39 -24.63 -0.95
CA SER B 201 -13.24 -25.90 -1.64
C SER B 201 -13.84 -26.99 -0.76
N PRO B 202 -14.27 -28.11 -1.34
CA PRO B 202 -14.77 -29.22 -0.51
C PRO B 202 -13.73 -29.76 0.46
N GLU B 203 -12.45 -29.73 0.10
CA GLU B 203 -11.41 -30.12 1.03
C GLU B 203 -11.36 -29.18 2.23
N GLU B 204 -11.60 -27.89 1.99
CA GLU B 204 -11.65 -26.94 3.10
C GLU B 204 -12.84 -27.22 4.01
N ALA B 205 -13.98 -27.61 3.43
CA ALA B 205 -15.14 -27.96 4.25
C ALA B 205 -14.86 -29.22 5.07
N GLY B 206 -14.20 -30.22 4.48
CA GLY B 206 -13.83 -31.40 5.23
C GLY B 206 -12.85 -31.09 6.35
N ARG B 207 -11.91 -30.19 6.09
CA ARG B 207 -10.98 -29.77 7.14
C ARG B 207 -11.72 -29.03 8.25
N TYR B 208 -12.67 -28.18 7.90
CA TYR B 208 -13.48 -27.49 8.90
C TYR B 208 -14.26 -28.48 9.75
N LEU B 209 -14.83 -29.51 9.13
CA LEU B 209 -15.58 -30.51 9.87
C LEU B 209 -14.67 -31.30 10.81
N GLU B 210 -13.50 -31.72 10.31
CA GLU B 210 -12.56 -32.46 11.14
C GLU B 210 -12.02 -31.61 12.27
N THR B 211 -11.92 -30.29 12.07
CA THR B 211 -11.46 -29.41 13.13
C THR B 211 -12.55 -29.21 14.18
N TYR B 212 -13.81 -29.05 13.74
CA TYR B 212 -14.91 -28.92 14.68
C TYR B 212 -15.16 -30.20 15.45
N LYS B 213 -14.78 -31.35 14.88
CA LYS B 213 -15.06 -32.63 15.52
C LYS B 213 -14.15 -32.90 16.70
N ALA B 214 -12.88 -32.53 16.60
CA ALA B 214 -11.87 -32.89 17.60
C ALA B 214 -11.29 -31.67 18.29
N TYR B 215 -12.15 -30.73 18.67
CA TYR B 215 -11.73 -29.54 19.43
C TYR B 215 -12.64 -29.35 20.65
N GLU B 216 -12.85 -30.43 21.40
CA GLU B 216 -13.57 -30.37 22.67
C GLU B 216 -12.65 -30.15 23.86
N GLN B 217 -11.46 -29.58 23.63
CA GLN B 217 -10.49 -29.38 24.69
C GLN B 217 -10.82 -28.15 25.52
N LYS B 218 -9.97 -27.85 26.50
CA LYS B 218 -10.14 -26.69 27.35
C LYS B 218 -9.72 -25.42 26.62
N PRO B 219 -10.31 -24.27 26.99
CA PRO B 219 -9.94 -23.01 26.33
C PRO B 219 -8.55 -22.53 26.70
N ALA B 220 -7.52 -23.19 26.14
CA ALA B 220 -6.14 -22.83 26.40
C ALA B 220 -5.60 -21.77 25.45
N ASP B 221 -6.40 -21.33 24.47
CA ASP B 221 -5.97 -20.34 23.49
C ASP B 221 -6.13 -18.95 24.10
N LEU B 222 -5.16 -18.59 24.94
CA LEU B 222 -5.17 -17.29 25.61
C LEU B 222 -3.94 -16.48 25.21
N ASP B 230 -3.40 -21.00 13.69
CA ASP B 230 -2.15 -21.54 13.17
C ASP B 230 -1.43 -22.35 14.25
N PHE B 231 -0.69 -23.37 13.81
CA PHE B 231 0.05 -24.20 14.76
C PHE B 231 1.24 -23.47 15.37
N VAL B 232 1.77 -22.45 14.69
CA VAL B 232 2.88 -21.69 15.25
C VAL B 232 2.47 -21.00 16.54
N SER B 233 1.27 -20.40 16.55
CA SER B 233 0.78 -19.77 17.77
C SER B 233 0.50 -20.82 18.85
N ARG B 234 -0.11 -21.94 18.46
CA ARG B 234 -0.38 -23.00 19.43
C ARG B 234 0.90 -23.57 20.01
N VAL B 235 1.91 -23.80 19.17
CA VAL B 235 3.15 -24.39 19.68
C VAL B 235 3.94 -23.38 20.50
N THR B 236 3.87 -22.09 20.16
CA THR B 236 4.58 -21.08 20.94
C THR B 236 3.84 -20.74 22.23
N GLU B 237 2.56 -21.08 22.33
CA GLU B 237 1.83 -20.91 23.57
C GLU B 237 1.93 -22.14 24.48
N CYS B 238 2.06 -23.33 23.89
CA CYS B 238 2.19 -24.56 24.68
C CYS B 238 3.62 -24.87 25.07
N LEU B 239 4.60 -24.38 24.31
CA LEU B 239 6.00 -24.64 24.60
C LEU B 239 6.66 -23.53 25.41
N THR B 240 6.02 -22.37 25.55
CA THR B 240 6.57 -21.29 26.33
C THR B 240 6.51 -21.55 27.84
N THR B 241 5.78 -22.59 28.26
CA THR B 241 5.72 -22.90 29.69
C THR B 241 7.04 -23.46 30.20
N VAL B 242 7.86 -24.03 29.34
CA VAL B 242 9.19 -24.48 29.72
C VAL B 242 10.22 -23.45 29.26
N LYS B 243 11.40 -23.51 29.84
CA LYS B 243 12.42 -22.52 29.55
C LYS B 243 13.16 -22.88 28.26
N SER B 244 14.04 -21.96 27.84
CA SER B 244 14.84 -22.12 26.61
C SER B 244 13.96 -22.21 25.37
N VAL B 245 12.75 -21.67 25.44
CA VAL B 245 11.81 -21.67 24.32
C VAL B 245 11.11 -20.32 24.29
N ASN B 246 11.32 -19.55 23.22
CA ASN B 246 10.63 -18.29 22.99
C ASN B 246 9.94 -18.34 21.63
N LYS B 247 9.37 -17.21 21.22
CA LYS B 247 8.67 -17.15 19.94
C LYS B 247 9.62 -17.42 18.78
N THR B 248 10.81 -16.81 18.82
CA THR B 248 11.78 -17.02 17.74
C THR B 248 12.29 -18.47 17.72
N ASP B 249 12.58 -19.02 18.90
CA ASP B 249 13.04 -20.40 18.96
C ASP B 249 11.95 -21.37 18.51
N SER B 250 10.70 -21.10 18.88
CA SER B 250 9.60 -21.94 18.42
C SER B 250 9.42 -21.87 16.92
N GLN B 251 9.50 -20.66 16.35
CA GLN B 251 9.39 -20.52 14.91
C GLN B 251 10.52 -21.23 14.19
N THR B 252 11.74 -21.13 14.73
CA THR B 252 12.87 -21.81 14.11
C THR B 252 12.72 -23.34 14.19
N LEU B 253 12.28 -23.85 15.34
CA LEU B 253 12.08 -25.29 15.47
C LEU B 253 10.94 -25.78 14.58
N LEU B 254 9.95 -24.94 14.32
CA LEU B 254 8.85 -25.33 13.43
C LEU B 254 9.28 -25.30 11.97
N THR B 255 10.08 -24.30 11.59
CA THR B 255 10.52 -24.19 10.20
C THR B 255 11.70 -25.09 9.87
N THR B 256 12.38 -25.65 10.87
CA THR B 256 13.51 -26.54 10.64
C THR B 256 13.16 -28.02 10.78
N PHE B 257 12.18 -28.34 11.62
CA PHE B 257 11.77 -29.73 11.85
C PHE B 257 10.37 -30.01 11.32
N GLY B 258 9.38 -29.24 11.72
CA GLY B 258 8.01 -29.41 11.27
C GLY B 258 7.13 -30.22 12.19
N SER B 259 7.70 -30.94 13.16
CA SER B 259 6.93 -31.75 14.07
C SER B 259 7.69 -31.93 15.37
N LEU B 260 6.96 -32.26 16.43
CA LEU B 260 7.56 -32.47 17.74
C LEU B 260 8.26 -33.82 17.85
N GLU B 261 7.86 -34.81 17.04
CA GLU B 261 8.51 -36.12 17.09
C GLU B 261 9.97 -36.04 16.68
N GLN B 262 10.25 -35.32 15.58
CA GLN B 262 11.64 -35.15 15.13
C GLN B 262 12.46 -34.33 16.11
N LEU B 263 11.82 -33.51 16.95
CA LEU B 263 12.55 -32.74 17.94
C LEU B 263 12.85 -33.56 19.18
N ILE B 264 11.88 -34.37 19.64
CA ILE B 264 12.11 -35.19 20.82
C ILE B 264 12.92 -36.44 20.50
N ALA B 265 13.03 -36.82 19.23
CA ALA B 265 13.82 -37.99 18.85
C ALA B 265 15.30 -37.67 18.65
N ALA B 266 15.64 -36.42 18.37
CA ALA B 266 17.03 -36.06 18.16
C ALA B 266 17.77 -36.00 19.49
N SER B 267 19.09 -36.15 19.41
CA SER B 267 19.94 -36.12 20.60
C SER B 267 20.38 -34.69 20.89
N ARG B 268 21.32 -34.53 21.83
CA ARG B 268 21.79 -33.19 22.17
C ARG B 268 22.70 -32.61 21.09
N GLU B 269 23.46 -33.47 20.39
CA GLU B 269 24.35 -32.98 19.35
C GLU B 269 23.59 -32.55 18.11
N ASP B 270 22.41 -33.12 17.87
CA ASP B 270 21.61 -32.78 16.71
C ASP B 270 20.87 -31.47 16.88
N LEU B 271 20.84 -30.89 18.08
CA LEU B 271 20.17 -29.63 18.35
C LEU B 271 21.14 -28.46 18.47
N ALA B 272 22.45 -28.72 18.39
CA ALA B 272 23.46 -27.67 18.53
C ALA B 272 23.98 -27.18 17.19
N LEU B 273 23.30 -27.49 16.09
CA LEU B 273 23.71 -27.07 14.76
C LEU B 273 22.90 -25.90 14.23
N CYS B 274 21.82 -25.52 14.88
CA CYS B 274 20.99 -24.40 14.43
C CYS B 274 21.51 -23.11 15.04
N PRO B 275 21.92 -22.13 14.24
CA PRO B 275 22.42 -20.88 14.80
C PRO B 275 21.29 -19.95 15.23
N GLY B 276 21.60 -19.07 16.17
CA GLY B 276 20.66 -18.11 16.69
C GLY B 276 20.14 -18.42 18.08
N LEU B 277 20.40 -19.62 18.59
CA LEU B 277 19.92 -20.01 19.92
C LEU B 277 20.99 -20.60 20.82
N GLY B 278 22.17 -20.93 20.30
CA GLY B 278 23.25 -21.46 21.10
C GLY B 278 23.04 -22.90 21.50
N PRO B 279 24.14 -23.61 21.78
CA PRO B 279 24.02 -25.02 22.17
C PRO B 279 23.62 -25.20 23.62
N GLN B 280 23.96 -24.23 24.46
CA GLN B 280 23.63 -24.33 25.88
C GLN B 280 22.13 -24.28 26.11
N LYS B 281 21.43 -23.42 25.37
CA LYS B 281 19.97 -23.34 25.51
C LYS B 281 19.31 -24.65 25.09
N ALA B 282 19.78 -25.24 23.98
CA ALA B 282 19.22 -26.51 23.53
C ALA B 282 19.52 -27.63 24.54
N ARG B 283 20.73 -27.62 25.12
CA ARG B 283 21.07 -28.63 26.11
C ARG B 283 20.19 -28.49 27.35
N ARG B 284 19.97 -27.25 27.81
CA ARG B 284 19.10 -27.04 28.96
C ARG B 284 17.66 -27.44 28.66
N LEU B 285 17.18 -27.14 27.44
CA LEU B 285 15.83 -27.54 27.07
C LEU B 285 15.68 -29.05 27.04
N PHE B 286 16.68 -29.75 26.50
CA PHE B 286 16.63 -31.21 26.48
C PHE B 286 16.69 -31.78 27.89
N ASP B 287 17.51 -31.19 28.76
CA ASP B 287 17.61 -31.67 30.13
C ASP B 287 16.31 -31.45 30.89
N VAL B 288 15.62 -30.35 30.61
CA VAL B 288 14.32 -30.12 31.26
C VAL B 288 13.26 -31.05 30.68
N LEU B 289 13.36 -31.37 29.38
CA LEU B 289 12.34 -32.19 28.74
C LEU B 289 12.45 -33.65 29.17
N HIS B 290 13.62 -34.27 28.98
CA HIS B 290 13.74 -35.70 29.24
C HIS B 290 13.79 -36.04 30.73
N GLU B 291 13.88 -35.05 31.61
CA GLU B 291 13.89 -35.34 33.04
C GLU B 291 12.49 -35.64 33.52
N PRO B 292 12.29 -36.77 34.21
CA PRO B 292 10.94 -37.09 34.71
C PRO B 292 10.59 -36.29 35.95
N PHE B 293 9.28 -36.12 36.16
CA PHE B 293 8.79 -35.36 37.30
C PHE B 293 8.48 -36.28 38.49
N LEU B 294 7.74 -37.35 38.26
CA LEU B 294 7.40 -38.28 39.32
C LEU B 294 8.58 -39.16 39.68
N LYS B 295 8.65 -39.56 40.95
CA LYS B 295 9.72 -40.41 41.42
C LYS B 295 9.44 -41.87 41.07
N VAL B 296 10.51 -42.67 41.10
CA VAL B 296 10.39 -44.09 40.79
C VAL B 296 9.67 -44.82 41.93
N PRO B 297 8.52 -45.42 41.62
CA PRO B 297 7.74 -46.13 42.63
C PRO B 297 6.99 -47.30 41.99
#